data_4L3O
#
_entry.id   4L3O
#
_cell.length_a   91.180
_cell.length_b   135.613
_cell.length_c   148.830
_cell.angle_alpha   90.000
_cell.angle_beta   90.000
_cell.angle_gamma   90.000
#
_symmetry.space_group_name_H-M   'P 21 21 21'
#
loop_
_entity.id
_entity.type
_entity.pdbx_description
1 polymer 'NAD-dependent protein deacetylase sirtuin-2'
2 polymer 'cyclic peptide S2iL5'
3 non-polymer 'ZINC ION'
4 non-polymer '2-(N-MORPHOLINO)-ETHANESULFONIC ACID'
5 non-polymer 1,2-ETHANEDIOL
6 water water
#
loop_
_entity_poly.entity_id
_entity_poly.type
_entity_poly.pdbx_seq_one_letter_code
_entity_poly.pdbx_strand_id
1 'polypeptide(L)'
;KERLLDELTLEGVARYMQSERCRRVICLVGAGISTSAGIPDFRSPSTGLYDNLEKYHLPYPEAIFEISYFKKHPEPFFAL
AKELYPGQFKPTICHYFMRLLKDKGLLLRCYTQNIDTLERIAGLEQEDLVEAHGTFYTSHCVSASCRHEYPLSWMKEKIF
SEVTPKCEDCQSLVKPDIVFFGESLPARFFSCMQSDFLKVDLLLVMGTSLQVQPFASLISKAPLSTPRLLINKEKAGQSD
PFLGMIMGLGGGMDFDSKKAYRDVAWLGECDQGCLALAELLGWKKELEDLVRREHASIDAQS
;
A,B,C,D
2 'polypeptide(L)' (ACY)YHTYHV(FAK)RRTNYYC(NH2) E,F,G,H
#
# COMPACT_ATOMS: atom_id res chain seq x y z
N LYS A 1 -33.78 11.84 -12.24
CA LYS A 1 -33.63 10.94 -13.38
C LYS A 1 -34.82 11.06 -14.33
N GLU A 2 -35.88 10.31 -14.06
CA GLU A 2 -37.08 10.37 -14.87
C GLU A 2 -38.31 10.68 -14.02
N ARG A 3 -39.16 11.57 -14.52
CA ARG A 3 -40.42 11.85 -13.84
C ARG A 3 -41.52 10.95 -14.40
N LEU A 4 -42.16 10.18 -13.53
CA LEU A 4 -43.15 9.21 -13.96
C LEU A 4 -44.57 9.65 -13.62
N LEU A 5 -44.69 10.57 -12.65
CA LEU A 5 -45.99 11.12 -12.30
C LEU A 5 -46.26 12.36 -13.14
N ASP A 6 -47.41 12.40 -13.81
CA ASP A 6 -47.76 13.58 -14.59
C ASP A 6 -48.19 14.74 -13.69
N GLU A 7 -48.48 14.41 -12.44
CA GLU A 7 -48.88 15.41 -11.44
C GLU A 7 -48.47 14.91 -10.06
N LEU A 8 -48.00 15.82 -9.21
CA LEU A 8 -47.57 15.46 -7.86
C LEU A 8 -48.74 15.49 -6.88
N THR A 9 -49.71 14.61 -7.11
CA THR A 9 -50.92 14.55 -6.29
C THR A 9 -51.33 13.09 -6.08
N LEU A 10 -52.31 12.86 -5.23
CA LEU A 10 -52.84 11.53 -5.00
C LEU A 10 -53.48 10.99 -6.29
N GLU A 11 -54.11 11.89 -7.03
CA GLU A 11 -54.70 11.55 -8.32
C GLU A 11 -53.63 11.13 -9.30
N GLY A 12 -52.49 11.80 -9.24
CA GLY A 12 -51.36 11.49 -10.11
C GLY A 12 -50.76 10.14 -9.77
N VAL A 13 -50.74 9.81 -8.48
CA VAL A 13 -50.23 8.51 -8.04
C VAL A 13 -51.18 7.40 -8.47
N ALA A 14 -52.47 7.60 -8.23
CA ALA A 14 -53.49 6.63 -8.61
C ALA A 14 -53.43 6.34 -10.10
N ARG A 15 -53.34 7.40 -10.89
CA ARG A 15 -53.26 7.27 -12.34
CA ARG A 15 -53.26 7.27 -12.34
C ARG A 15 -52.02 6.49 -12.75
N TYR A 16 -50.94 6.67 -12.00
CA TYR A 16 -49.69 5.97 -12.27
C TYR A 16 -49.76 4.50 -11.84
N MET A 17 -50.50 4.23 -10.77
CA MET A 17 -50.65 2.87 -10.26
C MET A 17 -51.36 1.97 -11.26
N GLN A 18 -52.12 2.59 -12.16
CA GLN A 18 -52.87 1.86 -13.17
C GLN A 18 -52.10 1.73 -14.48
N SER A 19 -50.93 2.36 -14.55
CA SER A 19 -50.07 2.25 -15.72
C SER A 19 -49.38 0.90 -15.74
N GLU A 20 -48.70 0.59 -16.84
CA GLU A 20 -48.07 -0.72 -16.99
C GLU A 20 -46.75 -0.81 -16.23
N ARG A 21 -46.12 0.33 -15.98
CA ARG A 21 -44.85 0.36 -15.27
C ARG A 21 -44.99 -0.01 -13.81
N CYS A 22 -46.09 0.40 -13.19
CA CYS A 22 -46.31 0.17 -11.77
C CYS A 22 -46.61 -1.30 -11.47
N ARG A 23 -45.57 -2.13 -11.47
CA ARG A 23 -45.73 -3.56 -11.22
C ARG A 23 -45.46 -3.95 -9.77
N ARG A 24 -44.45 -3.33 -9.16
CA ARG A 24 -44.02 -3.72 -7.82
C ARG A 24 -44.06 -2.56 -6.81
N VAL A 25 -44.83 -2.75 -5.75
CA VAL A 25 -45.00 -1.74 -4.72
C VAL A 25 -44.43 -2.18 -3.38
N ILE A 26 -43.67 -1.30 -2.74
CA ILE A 26 -43.14 -1.57 -1.40
C ILE A 26 -43.74 -0.61 -0.39
N CYS A 27 -44.19 -1.14 0.74
CA CYS A 27 -44.82 -0.32 1.77
C CYS A 27 -43.94 -0.16 3.00
N LEU A 28 -43.75 1.09 3.42
CA LEU A 28 -43.10 1.38 4.71
C LEU A 28 -44.16 1.91 5.65
N VAL A 29 -44.48 1.16 6.69
CA VAL A 29 -45.55 1.57 7.61
C VAL A 29 -45.08 1.75 9.05
N GLY A 30 -45.68 2.72 9.72
CA GLY A 30 -45.35 3.02 11.11
C GLY A 30 -46.56 2.94 12.01
N ALA A 31 -46.51 3.64 13.13
CA ALA A 31 -47.55 3.55 14.15
C ALA A 31 -48.87 4.19 13.76
N GLY A 32 -48.82 5.11 12.79
CA GLY A 32 -49.99 5.86 12.39
C GLY A 32 -51.05 5.04 11.66
N ILE A 33 -50.71 3.82 11.28
CA ILE A 33 -51.65 2.95 10.57
C ILE A 33 -52.39 2.01 11.52
N SER A 34 -52.11 2.16 12.81
CA SER A 34 -52.75 1.31 13.82
C SER A 34 -53.46 2.11 14.90
N THR A 35 -53.37 3.44 14.80
CA THR A 35 -54.00 4.31 15.78
C THR A 35 -55.52 4.17 15.79
N SER A 36 -56.11 4.04 14.60
CA SER A 36 -57.56 3.92 14.47
C SER A 36 -58.06 2.54 14.90
N ALA A 37 -57.12 1.65 15.22
CA ALA A 37 -57.50 0.34 15.76
C ALA A 37 -57.58 0.40 17.28
N GLY A 38 -56.96 1.43 17.86
CA GLY A 38 -56.94 1.60 19.29
C GLY A 38 -55.54 1.57 19.88
N ILE A 39 -54.55 1.47 19.00
CA ILE A 39 -53.15 1.39 19.43
C ILE A 39 -52.48 2.75 19.29
N PRO A 40 -52.31 3.46 20.41
CA PRO A 40 -51.79 4.84 20.42
C PRO A 40 -50.34 4.93 19.95
N ASP A 41 -49.97 6.07 19.38
CA ASP A 41 -48.60 6.32 18.97
C ASP A 41 -47.80 6.89 20.14
N PHE A 42 -46.96 6.05 20.75
CA PHE A 42 -46.23 6.42 21.95
C PHE A 42 -45.11 7.41 21.68
N ARG A 43 -44.77 7.58 20.40
CA ARG A 43 -43.67 8.44 20.00
C ARG A 43 -44.12 9.89 19.83
N SER A 44 -45.40 10.08 19.54
CA SER A 44 -45.95 11.43 19.36
C SER A 44 -46.14 12.12 20.70
N TYR A 50 -53.83 12.89 27.68
CA TYR A 50 -53.68 11.68 28.45
C TYR A 50 -52.41 10.92 28.07
N ASP A 51 -51.64 10.51 29.07
CA ASP A 51 -50.39 9.80 28.84
C ASP A 51 -50.56 8.30 29.12
N ASN A 52 -50.35 7.49 28.10
CA ASN A 52 -50.46 6.03 28.24
C ASN A 52 -49.30 5.41 29.01
N LEU A 53 -48.26 6.20 29.25
CA LEU A 53 -47.05 5.70 29.89
C LEU A 53 -46.89 6.19 31.33
N GLU A 54 -47.75 7.13 31.74
CA GLU A 54 -47.67 7.72 33.07
C GLU A 54 -47.86 6.68 34.18
N LYS A 55 -48.63 5.64 33.88
CA LYS A 55 -48.95 4.61 34.86
C LYS A 55 -47.73 3.76 35.25
N TYR A 56 -46.66 3.85 34.47
CA TYR A 56 -45.49 3.01 34.69
C TYR A 56 -44.37 3.73 35.46
N HIS A 57 -44.50 5.03 35.62
CA HIS A 57 -43.56 5.85 36.39
C HIS A 57 -42.12 5.70 35.90
N LEU A 58 -41.92 5.95 34.61
CA LEU A 58 -40.60 5.88 33.99
C LEU A 58 -39.81 7.14 34.30
N PRO A 59 -38.46 7.05 34.22
CA PRO A 59 -37.64 8.26 34.28
C PRO A 59 -37.91 9.16 33.08
N TYR A 60 -38.22 8.54 31.95
CA TYR A 60 -38.62 9.24 30.74
C TYR A 60 -39.36 8.27 29.83
N PRO A 61 -40.37 8.75 29.10
CA PRO A 61 -41.25 7.90 28.29
C PRO A 61 -40.52 6.98 27.30
N GLU A 62 -39.39 7.42 26.76
CA GLU A 62 -38.63 6.62 25.80
C GLU A 62 -37.96 5.39 26.43
N ALA A 63 -37.85 5.39 27.76
CA ALA A 63 -37.14 4.33 28.46
C ALA A 63 -37.78 2.96 28.28
N ILE A 64 -39.10 2.94 28.12
CA ILE A 64 -39.85 1.69 28.05
C ILE A 64 -39.48 0.85 26.83
N PHE A 65 -38.86 1.46 25.83
CA PHE A 65 -38.44 0.76 24.64
C PHE A 65 -36.92 0.60 24.54
N GLU A 66 -36.21 0.87 25.63
CA GLU A 66 -34.76 0.76 25.64
C GLU A 66 -34.30 -0.55 26.29
N ILE A 67 -33.35 -1.22 25.64
CA ILE A 67 -32.90 -2.53 26.09
C ILE A 67 -32.23 -2.49 27.47
N SER A 68 -31.49 -1.42 27.75
CA SER A 68 -30.76 -1.32 29.01
C SER A 68 -31.71 -1.10 30.19
N TYR A 69 -32.78 -0.35 29.97
CA TYR A 69 -33.78 -0.16 31.00
C TYR A 69 -34.62 -1.43 31.17
N PHE A 70 -34.85 -2.13 30.06
CA PHE A 70 -35.65 -3.34 30.08
C PHE A 70 -35.01 -4.45 30.90
N LYS A 71 -33.70 -4.61 30.76
CA LYS A 71 -32.99 -5.69 31.46
C LYS A 71 -32.99 -5.50 32.97
N LYS A 72 -33.19 -4.26 33.42
CA LYS A 72 -33.25 -3.97 34.84
C LYS A 72 -34.69 -3.83 35.31
N HIS A 73 -35.52 -3.19 34.49
CA HIS A 73 -36.92 -2.97 34.84
C HIS A 73 -37.83 -3.35 33.69
N PRO A 74 -38.09 -4.66 33.51
CA PRO A 74 -38.87 -5.18 32.38
C PRO A 74 -40.37 -5.09 32.62
N GLU A 75 -40.79 -4.79 33.84
CA GLU A 75 -42.21 -4.75 34.18
C GLU A 75 -43.07 -3.78 33.35
N PRO A 76 -42.61 -2.52 33.16
CA PRO A 76 -43.41 -1.62 32.35
C PRO A 76 -43.67 -2.12 30.93
N PHE A 77 -42.65 -2.70 30.28
CA PHE A 77 -42.81 -3.19 28.92
C PHE A 77 -43.81 -4.32 28.82
N PHE A 78 -43.72 -5.29 29.74
CA PHE A 78 -44.60 -6.45 29.72
C PHE A 78 -46.05 -6.07 30.00
N ALA A 79 -46.24 -5.01 30.78
CA ALA A 79 -47.57 -4.49 31.04
C ALA A 79 -48.13 -3.88 29.75
N LEU A 80 -47.26 -3.22 29.00
CA LEU A 80 -47.65 -2.64 27.72
C LEU A 80 -47.83 -3.75 26.68
N ALA A 81 -47.02 -4.80 26.79
CA ALA A 81 -47.08 -5.93 25.86
C ALA A 81 -48.42 -6.65 25.95
N LYS A 82 -49.00 -6.67 27.15
CA LYS A 82 -50.29 -7.31 27.34
C LYS A 82 -51.37 -6.58 26.56
N GLU A 83 -51.17 -5.29 26.38
CA GLU A 83 -52.10 -4.47 25.61
C GLU A 83 -51.86 -4.60 24.11
N LEU A 84 -50.60 -4.72 23.72
CA LEU A 84 -50.23 -4.76 22.31
C LEU A 84 -50.36 -6.16 21.69
N TYR A 85 -50.67 -7.14 22.52
CA TYR A 85 -50.65 -8.55 22.09
C TYR A 85 -51.62 -8.85 20.94
N PRO A 86 -51.17 -9.67 19.98
CA PRO A 86 -51.97 -10.06 18.82
C PRO A 86 -53.30 -10.70 19.23
N GLY A 87 -54.40 -10.10 18.81
CA GLY A 87 -55.72 -10.57 19.16
C GLY A 87 -56.53 -9.51 19.89
N GLN A 88 -55.82 -8.55 20.48
CA GLN A 88 -56.46 -7.47 21.21
C GLN A 88 -56.97 -6.39 20.27
N PHE A 89 -56.57 -6.49 19.00
CA PHE A 89 -56.95 -5.48 18.01
C PHE A 89 -57.28 -6.10 16.65
N LYS A 90 -58.09 -5.39 15.88
CA LYS A 90 -58.40 -5.79 14.52
C LYS A 90 -57.71 -4.82 13.56
N PRO A 91 -57.19 -5.36 12.44
CA PRO A 91 -56.47 -4.55 11.44
C PRO A 91 -57.32 -3.39 10.94
N THR A 92 -56.67 -2.34 10.45
CA THR A 92 -57.38 -1.16 9.98
C THR A 92 -57.63 -1.22 8.47
N ILE A 93 -58.27 -0.17 7.97
CA ILE A 93 -58.53 -0.05 6.54
C ILE A 93 -57.21 0.01 5.77
N CYS A 94 -56.22 0.66 6.37
CA CYS A 94 -54.89 0.76 5.79
C CYS A 94 -54.25 -0.62 5.66
N HIS A 95 -54.41 -1.44 6.70
CA HIS A 95 -53.91 -2.81 6.66
C HIS A 95 -54.55 -3.61 5.54
N TYR A 96 -55.87 -3.51 5.43
CA TYR A 96 -56.60 -4.26 4.42
C TYR A 96 -56.42 -3.66 3.03
N PHE A 97 -55.96 -2.42 2.97
CA PHE A 97 -55.57 -1.81 1.70
C PHE A 97 -54.31 -2.48 1.17
N MET A 98 -53.40 -2.83 2.09
CA MET A 98 -52.19 -3.55 1.71
C MET A 98 -52.54 -4.99 1.35
N ARG A 99 -53.63 -5.50 1.92
CA ARG A 99 -54.14 -6.82 1.57
C ARG A 99 -54.62 -6.82 0.12
N LEU A 100 -55.27 -5.74 -0.29
CA LEU A 100 -55.71 -5.58 -1.67
C LEU A 100 -54.54 -5.51 -2.63
N LEU A 101 -53.46 -4.87 -2.19
CA LEU A 101 -52.23 -4.81 -2.99
C LEU A 101 -51.65 -6.19 -3.20
N LYS A 102 -51.75 -7.03 -2.16
CA LYS A 102 -51.23 -8.39 -2.23
C LYS A 102 -52.04 -9.25 -3.19
N ASP A 103 -53.37 -9.21 -3.04
CA ASP A 103 -54.25 -10.05 -3.85
C ASP A 103 -54.22 -9.66 -5.33
N LYS A 104 -53.94 -8.39 -5.61
CA LYS A 104 -53.86 -7.94 -6.99
C LYS A 104 -52.44 -8.09 -7.55
N GLY A 105 -51.56 -8.68 -6.75
CA GLY A 105 -50.21 -8.98 -7.18
C GLY A 105 -49.29 -7.76 -7.29
N LEU A 106 -49.62 -6.71 -6.54
CA LEU A 106 -48.84 -5.48 -6.58
C LEU A 106 -47.83 -5.39 -5.44
N LEU A 107 -48.11 -6.07 -4.33
CA LEU A 107 -47.28 -5.96 -3.13
C LEU A 107 -46.00 -6.77 -3.20
N LEU A 108 -44.87 -6.08 -3.29
CA LEU A 108 -43.56 -6.74 -3.28
C LEU A 108 -43.13 -7.05 -1.86
N ARG A 109 -43.22 -6.05 -0.98
CA ARG A 109 -42.84 -6.22 0.41
C ARG A 109 -43.47 -5.13 1.28
N CYS A 110 -43.71 -5.47 2.53
CA CYS A 110 -44.14 -4.49 3.51
C CYS A 110 -43.16 -4.45 4.68
N TYR A 111 -42.47 -3.32 4.83
CA TYR A 111 -41.59 -3.10 5.96
C TYR A 111 -42.38 -2.38 7.04
N THR A 112 -42.39 -2.93 8.25
CA THR A 112 -43.18 -2.35 9.33
C THR A 112 -42.36 -2.02 10.57
N GLN A 113 -42.67 -0.90 11.20
CA GLN A 113 -42.04 -0.51 12.46
C GLN A 113 -42.85 -1.06 13.62
N ASN A 114 -44.06 -1.52 13.33
CA ASN A 114 -45.00 -1.93 14.36
C ASN A 114 -44.73 -3.33 14.91
N ILE A 115 -45.20 -3.57 16.13
CA ILE A 115 -45.04 -4.86 16.78
C ILE A 115 -46.40 -5.40 17.20
N ASP A 116 -47.45 -4.97 16.49
CA ASP A 116 -48.80 -5.41 16.80
C ASP A 116 -49.23 -6.60 15.96
N THR A 117 -48.42 -6.93 14.96
CA THR A 117 -48.70 -8.03 14.03
C THR A 117 -50.07 -7.93 13.34
N LEU A 118 -50.55 -6.71 13.15
CA LEU A 118 -51.83 -6.49 12.49
C LEU A 118 -51.75 -6.78 11.00
N GLU A 119 -50.55 -6.66 10.43
CA GLU A 119 -50.33 -7.01 9.03
C GLU A 119 -50.60 -8.50 8.81
N ARG A 120 -50.04 -9.33 9.69
CA ARG A 120 -50.24 -10.77 9.63
C ARG A 120 -51.70 -11.15 9.74
N ILE A 121 -52.40 -10.50 10.67
CA ILE A 121 -53.82 -10.77 10.89
C ILE A 121 -54.64 -10.32 9.68
N ALA A 122 -54.19 -9.24 9.05
CA ALA A 122 -54.90 -8.70 7.88
C ALA A 122 -54.79 -9.62 6.67
N GLY A 123 -53.90 -10.60 6.72
CA GLY A 123 -53.79 -11.57 5.65
C GLY A 123 -52.43 -11.58 4.96
N LEU A 124 -51.57 -10.63 5.32
CA LEU A 124 -50.22 -10.60 4.76
C LEU A 124 -49.39 -11.76 5.30
N GLU A 125 -48.83 -12.55 4.40
CA GLU A 125 -48.00 -13.68 4.79
C GLU A 125 -46.60 -13.24 5.21
N GLN A 126 -45.86 -14.13 5.84
CA GLN A 126 -44.51 -13.82 6.32
C GLN A 126 -43.57 -13.38 5.20
N GLU A 127 -43.67 -14.04 4.05
CA GLU A 127 -42.81 -13.71 2.91
C GLU A 127 -43.07 -12.28 2.43
N ASP A 128 -44.31 -11.83 2.56
CA ASP A 128 -44.69 -10.49 2.15
C ASP A 128 -44.21 -9.46 3.15
N LEU A 129 -43.65 -9.92 4.26
CA LEU A 129 -43.45 -9.08 5.42
C LEU A 129 -42.00 -8.98 5.88
N VAL A 130 -41.58 -7.75 6.18
CA VAL A 130 -40.34 -7.53 6.90
C VAL A 130 -40.68 -6.79 8.18
N GLU A 131 -40.61 -7.52 9.30
CA GLU A 131 -40.90 -6.93 10.60
C GLU A 131 -39.61 -6.39 11.20
N ALA A 132 -39.31 -5.14 10.85
CA ALA A 132 -38.04 -4.52 11.20
C ALA A 132 -37.74 -4.51 12.69
N HIS A 133 -38.78 -4.42 13.51
CA HIS A 133 -38.60 -4.29 14.95
C HIS A 133 -38.98 -5.57 15.71
N GLY A 134 -38.97 -6.70 15.00
CA GLY A 134 -39.17 -7.99 15.64
C GLY A 134 -40.60 -8.46 15.73
N THR A 135 -40.85 -9.42 16.64
CA THR A 135 -42.16 -10.02 16.79
C THR A 135 -42.34 -10.64 18.17
N PHE A 136 -43.60 -10.83 18.57
CA PHE A 136 -43.92 -11.44 19.86
C PHE A 136 -44.04 -12.96 19.76
N TYR A 137 -43.95 -13.48 18.54
CA TYR A 137 -44.17 -14.91 18.29
C TYR A 137 -43.03 -15.80 18.78
N THR A 138 -41.88 -15.20 19.08
CA THR A 138 -40.73 -15.97 19.54
C THR A 138 -39.98 -15.22 20.64
N SER A 139 -39.49 -15.95 21.63
CA SER A 139 -38.79 -15.35 22.76
C SER A 139 -37.49 -16.08 23.08
N HIS A 140 -36.47 -15.34 23.49
CA HIS A 140 -35.18 -15.92 23.85
C HIS A 140 -34.75 -15.50 25.25
N CYS A 141 -33.88 -16.31 25.86
CA CYS A 141 -33.30 -15.98 27.14
C CYS A 141 -32.20 -14.93 26.98
N VAL A 142 -32.05 -14.07 27.98
CA VAL A 142 -31.06 -12.99 27.90
C VAL A 142 -29.63 -13.53 28.00
N SER A 143 -29.44 -14.58 28.78
CA SER A 143 -28.12 -15.17 28.98
C SER A 143 -27.52 -15.69 27.68
N ALA A 144 -26.32 -15.21 27.36
CA ALA A 144 -25.62 -15.63 26.14
C ALA A 144 -25.15 -17.07 26.27
N SER A 145 -24.91 -17.51 27.50
CA SER A 145 -24.49 -18.87 27.77
C SER A 145 -25.65 -19.84 27.60
N CYS A 146 -26.87 -19.31 27.67
CA CYS A 146 -28.07 -20.12 27.51
C CYS A 146 -28.75 -19.88 26.17
N ARG A 147 -29.36 -18.70 26.04
CA ARG A 147 -30.08 -18.31 24.83
C ARG A 147 -31.15 -19.33 24.43
N HIS A 148 -31.93 -19.78 25.40
CA HIS A 148 -32.98 -20.76 25.17
C HIS A 148 -34.19 -20.11 24.51
N GLU A 149 -34.72 -20.78 23.48
CA GLU A 149 -35.89 -20.27 22.76
C GLU A 149 -37.18 -20.72 23.42
N TYR A 150 -38.15 -19.80 23.52
CA TYR A 150 -39.45 -20.10 24.10
C TYR A 150 -40.57 -19.77 23.12
N PRO A 151 -41.54 -20.68 22.99
CA PRO A 151 -42.65 -20.51 22.04
C PRO A 151 -43.59 -19.38 22.40
N LEU A 152 -44.55 -19.10 21.51
CA LEU A 152 -45.49 -18.00 21.68
C LEU A 152 -46.45 -18.23 22.85
N SER A 153 -46.98 -19.44 22.95
CA SER A 153 -47.94 -19.79 23.99
C SER A 153 -47.31 -19.69 25.37
N TRP A 154 -46.06 -20.13 25.48
CA TRP A 154 -45.31 -20.04 26.73
C TRP A 154 -45.19 -18.58 27.13
N MET A 155 -44.88 -17.73 26.16
CA MET A 155 -44.70 -16.30 26.40
C MET A 155 -46.04 -15.63 26.70
N LYS A 156 -47.09 -16.09 26.04
CA LYS A 156 -48.41 -15.49 26.18
C LYS A 156 -49.00 -15.68 27.57
N GLU A 157 -48.75 -16.85 28.17
CA GLU A 157 -49.30 -17.18 29.48
C GLU A 157 -48.75 -16.28 30.57
N LYS A 158 -47.44 -16.04 30.54
CA LYS A 158 -46.79 -15.19 31.53
C LYS A 158 -47.28 -13.75 31.46
N ILE A 159 -47.33 -13.22 30.24
CA ILE A 159 -47.68 -11.82 30.02
C ILE A 159 -49.08 -11.45 30.51
N PHE A 160 -50.04 -12.35 30.28
CA PHE A 160 -51.42 -12.10 30.69
C PHE A 160 -51.66 -12.39 32.17
N SER A 161 -50.67 -13.01 32.81
CA SER A 161 -50.80 -13.35 34.23
C SER A 161 -49.93 -12.45 35.11
N GLU A 162 -49.44 -11.35 34.55
CA GLU A 162 -48.60 -10.38 35.26
C GLU A 162 -47.35 -11.00 35.89
N VAL A 163 -46.84 -12.06 35.26
CA VAL A 163 -45.65 -12.73 35.78
C VAL A 163 -44.46 -12.54 34.84
N THR A 164 -43.40 -11.93 35.36
CA THR A 164 -42.18 -11.74 34.59
C THR A 164 -41.59 -13.08 34.20
N PRO A 165 -41.49 -13.33 32.89
CA PRO A 165 -41.00 -14.61 32.34
C PRO A 165 -39.53 -14.87 32.64
N LYS A 166 -39.27 -15.75 33.60
CA LYS A 166 -37.91 -16.18 33.90
C LYS A 166 -37.59 -17.47 33.17
N CYS A 167 -36.31 -17.68 32.85
CA CYS A 167 -35.87 -18.88 32.15
C CYS A 167 -36.07 -20.13 33.01
N GLU A 168 -36.33 -21.25 32.36
CA GLU A 168 -36.55 -22.51 33.08
C GLU A 168 -35.25 -23.27 33.28
N ASP A 169 -34.18 -22.79 32.68
CA ASP A 169 -32.87 -23.42 32.81
C ASP A 169 -31.92 -22.60 33.69
N CYS A 170 -31.59 -21.40 33.25
CA CYS A 170 -30.65 -20.56 33.98
C CYS A 170 -31.35 -19.47 34.79
N GLN A 171 -32.68 -19.53 34.83
CA GLN A 171 -33.50 -18.61 35.62
C GLN A 171 -33.37 -17.14 35.22
N SER A 172 -32.76 -16.88 34.08
CA SER A 172 -32.57 -15.51 33.61
C SER A 172 -33.85 -14.95 32.99
N LEU A 173 -33.80 -13.70 32.58
CA LEU A 173 -34.95 -13.02 31.99
C LEU A 173 -35.21 -13.52 30.57
N VAL A 174 -36.50 -13.61 30.21
CA VAL A 174 -36.89 -14.00 28.86
C VAL A 174 -37.63 -12.87 28.18
N LYS A 175 -37.07 -12.38 27.08
CA LYS A 175 -37.69 -11.30 26.32
C LYS A 175 -38.17 -11.77 24.95
N PRO A 176 -39.32 -11.24 24.52
CA PRO A 176 -39.82 -11.55 23.18
C PRO A 176 -38.85 -10.99 22.15
N ASP A 177 -38.76 -11.63 20.97
CA ASP A 177 -37.83 -11.18 19.94
C ASP A 177 -38.23 -9.83 19.35
N ILE A 178 -38.45 -8.86 20.23
CA ILE A 178 -38.78 -7.50 19.84
C ILE A 178 -37.52 -6.67 19.88
N VAL A 179 -37.27 -5.92 18.82
CA VAL A 179 -36.08 -5.08 18.76
C VAL A 179 -36.26 -3.80 19.58
N PHE A 180 -35.58 -3.75 20.72
CA PHE A 180 -35.54 -2.55 21.55
C PHE A 180 -34.46 -1.62 21.02
N PHE A 181 -34.49 -0.36 21.44
CA PHE A 181 -33.41 0.57 21.12
C PHE A 181 -32.12 0.08 21.75
N GLY A 182 -31.05 0.05 20.96
CA GLY A 182 -29.77 -0.46 21.44
C GLY A 182 -29.55 -1.89 20.98
N GLU A 183 -30.61 -2.50 20.47
CA GLU A 183 -30.52 -3.86 19.94
C GLU A 183 -30.37 -3.86 18.42
N SER A 184 -29.79 -4.94 17.89
CA SER A 184 -29.56 -5.07 16.46
C SER A 184 -30.81 -5.55 15.74
N LEU A 185 -31.05 -5.00 14.56
CA LEU A 185 -32.17 -5.42 13.72
C LEU A 185 -31.92 -6.81 13.15
N PRO A 186 -32.99 -7.55 12.82
CA PRO A 186 -32.87 -8.89 12.26
C PRO A 186 -32.14 -8.92 10.91
N ALA A 187 -31.53 -10.06 10.60
CA ALA A 187 -30.77 -10.22 9.36
C ALA A 187 -31.64 -10.04 8.12
N ARG A 188 -32.89 -10.46 8.23
CA ARG A 188 -33.84 -10.40 7.11
C ARG A 188 -33.97 -8.97 6.59
N PHE A 189 -33.96 -8.02 7.51
CA PHE A 189 -34.08 -6.59 7.18
C PHE A 189 -33.03 -6.16 6.16
N PHE A 190 -31.78 -6.55 6.41
CA PHE A 190 -30.68 -6.10 5.57
C PHE A 190 -30.58 -6.86 4.25
N SER A 191 -30.81 -8.17 4.30
CA SER A 191 -30.78 -8.97 3.08
C SER A 191 -31.94 -8.62 2.16
N CYS A 192 -33.08 -8.27 2.74
CA CYS A 192 -34.25 -7.86 1.95
C CYS A 192 -34.10 -6.47 1.36
N MET A 193 -33.56 -5.52 2.13
CA MET A 193 -33.41 -4.16 1.66
C MET A 193 -32.42 -4.06 0.50
N GLN A 194 -31.52 -5.02 0.42
CA GLN A 194 -30.53 -5.06 -0.65
C GLN A 194 -31.17 -5.40 -2.01
N SER A 195 -32.07 -6.38 -2.01
CA SER A 195 -32.65 -6.86 -3.26
C SER A 195 -34.02 -6.29 -3.60
N ASP A 196 -34.80 -5.94 -2.57
CA ASP A 196 -36.17 -5.45 -2.79
C ASP A 196 -36.18 -4.11 -3.51
N PHE A 197 -35.24 -3.23 -3.18
CA PHE A 197 -35.22 -1.88 -3.72
C PHE A 197 -34.49 -1.79 -5.06
N LEU A 198 -34.19 -2.93 -5.66
CA LEU A 198 -33.61 -2.96 -7.00
C LEU A 198 -34.70 -2.91 -8.06
N LYS A 199 -35.90 -3.34 -7.69
CA LYS A 199 -36.98 -3.50 -8.66
C LYS A 199 -38.32 -2.92 -8.21
N VAL A 200 -38.27 -1.93 -7.32
CA VAL A 200 -39.49 -1.31 -6.81
C VAL A 200 -40.00 -0.19 -7.74
N ASP A 201 -41.29 -0.20 -8.02
CA ASP A 201 -41.89 0.78 -8.92
C ASP A 201 -42.59 1.91 -8.16
N LEU A 202 -42.96 1.64 -6.91
CA LEU A 202 -43.65 2.63 -6.10
C LEU A 202 -43.43 2.40 -4.61
N LEU A 203 -43.14 3.48 -3.90
CA LEU A 203 -42.96 3.41 -2.45
C LEU A 203 -44.15 4.04 -1.74
N LEU A 204 -44.82 3.25 -0.92
CA LEU A 204 -45.93 3.76 -0.11
C LEU A 204 -45.50 3.92 1.34
N VAL A 205 -45.24 5.15 1.75
CA VAL A 205 -44.87 5.43 3.13
C VAL A 205 -46.10 5.87 3.90
N MET A 206 -46.59 5.01 4.78
CA MET A 206 -47.83 5.27 5.50
C MET A 206 -47.66 5.23 7.03
N GLY A 207 -48.16 6.27 7.69
CA GLY A 207 -48.24 6.27 9.14
C GLY A 207 -46.95 6.33 9.92
N THR A 208 -45.92 6.93 9.34
CA THR A 208 -44.65 7.11 10.04
C THR A 208 -44.01 8.46 9.77
N SER A 209 -43.50 9.09 10.82
CA SER A 209 -42.78 10.34 10.67
C SER A 209 -41.29 10.08 10.46
N LEU A 210 -40.95 8.80 10.29
CA LEU A 210 -39.59 8.37 10.01
C LEU A 210 -38.60 8.82 11.08
N GLN A 211 -38.92 8.52 12.33
CA GLN A 211 -38.14 8.99 13.47
C GLN A 211 -37.19 7.92 14.01
N VAL A 212 -37.32 6.70 13.49
CA VAL A 212 -36.49 5.59 13.96
C VAL A 212 -35.53 5.09 12.88
N GLN A 213 -34.25 4.97 13.24
CA GLN A 213 -33.24 4.43 12.33
C GLN A 213 -32.92 2.98 12.70
N PRO A 214 -32.45 2.18 11.73
CA PRO A 214 -32.19 2.52 10.33
C PRO A 214 -33.41 2.38 9.42
N PHE A 215 -34.60 2.26 10.00
CA PHE A 215 -35.81 2.11 9.20
C PHE A 215 -36.06 3.34 8.33
N ALA A 216 -35.83 4.52 8.89
CA ALA A 216 -36.07 5.77 8.18
C ALA A 216 -35.19 5.88 6.94
N SER A 217 -34.04 5.22 6.97
CA SER A 217 -33.07 5.29 5.89
C SER A 217 -33.51 4.50 4.65
N LEU A 218 -34.56 3.70 4.79
CA LEU A 218 -35.03 2.85 3.70
C LEU A 218 -35.43 3.65 2.47
N ILE A 219 -35.88 4.88 2.67
CA ILE A 219 -36.38 5.70 1.58
C ILE A 219 -35.28 6.10 0.59
N SER A 220 -34.02 5.99 1.02
CA SER A 220 -32.90 6.37 0.16
C SER A 220 -32.50 5.22 -0.76
N LYS A 221 -33.01 4.03 -0.48
CA LYS A 221 -32.68 2.85 -1.26
C LYS A 221 -33.50 2.74 -2.54
N ALA A 222 -34.60 3.50 -2.60
CA ALA A 222 -35.44 3.51 -3.79
C ALA A 222 -34.69 4.12 -4.97
N PRO A 223 -34.89 3.57 -6.17
CA PRO A 223 -34.32 4.13 -7.40
C PRO A 223 -34.75 5.57 -7.60
N LEU A 224 -33.97 6.33 -8.37
CA LEU A 224 -34.20 7.77 -8.52
C LEU A 224 -35.51 8.11 -9.20
N SER A 225 -36.00 7.22 -10.04
CA SER A 225 -37.24 7.48 -10.78
C SER A 225 -38.48 6.94 -10.07
N THR A 226 -38.29 6.12 -9.05
CA THR A 226 -39.40 5.53 -8.31
C THR A 226 -40.18 6.59 -7.54
N PRO A 227 -41.46 6.78 -7.89
CA PRO A 227 -42.34 7.70 -7.16
C PRO A 227 -42.51 7.26 -5.71
N ARG A 228 -42.69 8.22 -4.81
CA ARG A 228 -42.85 7.92 -3.40
C ARG A 228 -44.00 8.72 -2.81
N LEU A 229 -45.01 8.01 -2.30
CA LEU A 229 -46.19 8.66 -1.73
C LEU A 229 -46.20 8.59 -0.21
N LEU A 230 -46.33 9.76 0.42
CA LEU A 230 -46.38 9.83 1.87
C LEU A 230 -47.80 10.07 2.37
N ILE A 231 -48.39 9.07 3.00
CA ILE A 231 -49.69 9.22 3.65
C ILE A 231 -49.46 9.28 5.16
N ASN A 232 -49.43 10.49 5.71
CA ASN A 232 -49.10 10.69 7.11
C ASN A 232 -49.76 11.95 7.68
N LYS A 233 -49.89 12.01 9.00
CA LYS A 233 -50.52 13.16 9.65
C LYS A 233 -49.74 14.45 9.44
N GLU A 234 -48.47 14.32 9.06
CA GLU A 234 -47.62 15.47 8.80
C GLU A 234 -46.55 15.11 7.77
N LYS A 235 -45.88 16.12 7.23
CA LYS A 235 -44.79 15.87 6.29
C LYS A 235 -43.56 15.34 7.02
N ALA A 236 -42.86 14.40 6.40
CA ALA A 236 -41.69 13.79 7.01
C ALA A 236 -40.70 13.26 5.98
N GLY A 237 -39.49 12.96 6.43
CA GLY A 237 -38.48 12.36 5.58
C GLY A 237 -37.75 13.32 4.67
N GLN A 238 -37.88 14.61 4.93
CA GLN A 238 -37.24 15.63 4.09
C GLN A 238 -35.78 15.87 4.49
N SER A 239 -35.37 15.30 5.62
CA SER A 239 -33.99 15.45 6.09
C SER A 239 -33.08 14.35 5.56
N ASP A 240 -31.81 14.40 5.95
CA ASP A 240 -30.83 13.42 5.51
C ASP A 240 -31.20 12.03 6.05
N PRO A 241 -31.38 11.06 5.15
CA PRO A 241 -31.80 9.69 5.49
C PRO A 241 -30.78 8.96 6.36
N PHE A 242 -29.53 9.42 6.35
CA PHE A 242 -28.48 8.87 7.21
C PHE A 242 -28.21 7.39 6.91
N LEU A 243 -28.14 7.05 5.63
CA LEU A 243 -27.85 5.68 5.22
C LEU A 243 -26.42 5.28 5.60
N GLY A 244 -26.29 4.17 6.31
CA GLY A 244 -24.99 3.68 6.75
C GLY A 244 -24.36 4.59 7.79
N MET A 245 -25.18 5.43 8.42
CA MET A 245 -24.72 6.45 9.35
C MET A 245 -23.66 7.35 8.71
N ILE A 246 -23.89 7.70 7.46
CA ILE A 246 -23.04 8.61 6.71
C ILE A 246 -23.92 9.67 6.08
N MET A 247 -23.53 10.94 6.20
CA MET A 247 -24.33 12.03 5.66
C MET A 247 -23.87 12.43 4.26
N GLY A 248 -24.79 13.01 3.50
CA GLY A 248 -24.47 13.52 2.18
C GLY A 248 -24.81 12.57 1.04
N LEU A 249 -25.23 11.35 1.38
CA LEU A 249 -25.53 10.33 0.37
C LEU A 249 -26.80 10.64 -0.42
N GLY A 250 -27.70 11.43 0.17
CA GLY A 250 -28.93 11.81 -0.49
C GLY A 250 -30.06 10.83 -0.30
N GLY A 251 -31.22 11.16 -0.86
CA GLY A 251 -32.37 10.28 -0.80
C GLY A 251 -33.53 10.84 0.01
N GLY A 252 -33.38 12.07 0.48
CA GLY A 252 -34.41 12.69 1.29
C GLY A 252 -35.65 13.05 0.50
N MET A 253 -36.80 13.06 1.16
CA MET A 253 -38.05 13.44 0.53
C MET A 253 -38.00 14.88 0.02
N ASP A 254 -38.70 15.14 -1.09
CA ASP A 254 -38.74 16.47 -1.67
C ASP A 254 -40.12 16.76 -2.25
N PHE A 255 -40.99 17.34 -1.43
CA PHE A 255 -42.36 17.62 -1.84
C PHE A 255 -42.54 19.03 -2.38
N ASP A 256 -41.97 20.00 -1.69
CA ASP A 256 -42.34 21.40 -1.87
C ASP A 256 -41.33 22.25 -2.65
N SER A 257 -40.11 21.74 -2.84
CA SER A 257 -39.10 22.52 -3.54
C SER A 257 -39.37 22.57 -5.04
N LYS A 258 -38.66 23.46 -5.73
CA LYS A 258 -38.83 23.65 -7.16
C LYS A 258 -38.23 22.50 -7.94
N LYS A 259 -37.45 21.67 -7.26
CA LYS A 259 -36.79 20.53 -7.89
C LYS A 259 -37.59 19.23 -7.72
N ALA A 260 -38.68 19.29 -6.96
CA ALA A 260 -39.49 18.11 -6.68
C ALA A 260 -39.99 17.47 -7.98
N TYR A 261 -40.02 16.15 -8.02
CA TYR A 261 -40.43 15.45 -9.23
C TYR A 261 -41.17 14.13 -9.00
N ARG A 262 -40.92 13.48 -7.87
CA ARG A 262 -41.51 12.17 -7.61
C ARG A 262 -42.11 11.96 -6.20
N ASP A 263 -42.06 12.99 -5.36
CA ASP A 263 -42.55 12.84 -4.00
C ASP A 263 -43.88 13.56 -3.78
N VAL A 264 -44.86 12.81 -3.27
CA VAL A 264 -46.20 13.34 -3.05
C VAL A 264 -46.61 13.15 -1.59
N ALA A 265 -47.05 14.24 -0.96
CA ALA A 265 -47.48 14.18 0.44
C ALA A 265 -48.99 14.33 0.58
N TRP A 266 -49.62 13.39 1.25
CA TRP A 266 -51.05 13.45 1.52
C TRP A 266 -51.25 13.52 3.04
N LEU A 267 -51.67 14.68 3.52
CA LEU A 267 -51.75 14.92 4.95
C LEU A 267 -53.11 14.57 5.54
N GLY A 268 -53.10 13.73 6.57
CA GLY A 268 -54.33 13.30 7.23
C GLY A 268 -54.16 11.93 7.85
N GLU A 269 -55.27 11.30 8.21
CA GLU A 269 -55.25 9.96 8.78
C GLU A 269 -55.09 8.91 7.70
N CYS A 270 -54.47 7.78 8.06
CA CYS A 270 -54.17 6.72 7.09
C CYS A 270 -55.41 6.07 6.50
N ASP A 271 -56.42 5.84 7.33
CA ASP A 271 -57.68 5.26 6.87
C ASP A 271 -58.31 6.11 5.77
N GLN A 272 -58.37 7.42 6.00
CA GLN A 272 -58.93 8.32 5.02
C GLN A 272 -58.04 8.43 3.79
N GLY A 273 -56.73 8.37 4.02
CA GLY A 273 -55.77 8.41 2.93
C GLY A 273 -55.95 7.24 2.00
N CYS A 274 -56.12 6.06 2.57
CA CYS A 274 -56.27 4.84 1.78
C CYS A 274 -57.65 4.75 1.12
N LEU A 275 -58.67 5.25 1.80
CA LEU A 275 -60.01 5.30 1.24
C LEU A 275 -60.04 6.21 0.02
N ALA A 276 -59.40 7.36 0.14
CA ALA A 276 -59.32 8.32 -0.95
C ALA A 276 -58.60 7.69 -2.15
N LEU A 277 -57.50 7.00 -1.87
CA LEU A 277 -56.71 6.38 -2.93
C LEU A 277 -57.49 5.26 -3.59
N ALA A 278 -58.24 4.50 -2.80
CA ALA A 278 -59.07 3.41 -3.32
C ALA A 278 -60.20 3.96 -4.19
N GLU A 279 -60.80 5.05 -3.73
CA GLU A 279 -61.87 5.70 -4.47
C GLU A 279 -61.40 6.11 -5.86
N LEU A 280 -60.17 6.61 -5.95
CA LEU A 280 -59.58 7.00 -7.23
C LEU A 280 -59.26 5.76 -8.08
N LEU A 281 -58.86 4.68 -7.43
CA LEU A 281 -58.46 3.46 -8.11
C LEU A 281 -59.65 2.59 -8.52
N GLY A 282 -60.79 2.82 -7.90
CA GLY A 282 -61.98 2.03 -8.17
C GLY A 282 -62.01 0.76 -7.35
N TRP A 283 -61.37 0.80 -6.17
CA TRP A 283 -61.34 -0.34 -5.26
C TRP A 283 -62.19 -0.05 -4.03
N LYS A 284 -62.96 1.02 -4.10
CA LYS A 284 -63.73 1.50 -2.95
C LYS A 284 -64.65 0.43 -2.36
N LYS A 285 -65.46 -0.19 -3.22
CA LYS A 285 -66.41 -1.22 -2.79
C LYS A 285 -65.71 -2.50 -2.36
N GLU A 286 -64.66 -2.88 -3.08
CA GLU A 286 -63.89 -4.08 -2.75
C GLU A 286 -63.22 -3.92 -1.39
N LEU A 287 -62.71 -2.73 -1.13
CA LEU A 287 -62.03 -2.44 0.13
C LEU A 287 -62.99 -2.49 1.31
N GLU A 288 -64.13 -1.81 1.19
CA GLU A 288 -65.12 -1.79 2.26
C GLU A 288 -65.64 -3.19 2.58
N ASP A 289 -65.92 -3.97 1.54
CA ASP A 289 -66.39 -5.34 1.73
C ASP A 289 -65.36 -6.19 2.45
N LEU A 290 -64.10 -6.06 2.03
CA LEU A 290 -63.01 -6.83 2.62
C LEU A 290 -62.86 -6.59 4.12
N VAL A 291 -62.97 -5.33 4.52
CA VAL A 291 -62.85 -4.97 5.94
C VAL A 291 -63.97 -5.58 6.77
N ARG A 292 -65.21 -5.35 6.34
CA ARG A 292 -66.38 -5.83 7.09
C ARG A 292 -66.42 -7.36 7.14
N ARG A 293 -66.00 -8.00 6.05
CA ARG A 293 -65.98 -9.45 5.98
C ARG A 293 -64.94 -10.03 6.94
N GLU A 294 -63.75 -9.44 6.93
CA GLU A 294 -62.66 -9.90 7.78
C GLU A 294 -62.96 -9.67 9.27
N HIS A 295 -63.45 -8.47 9.60
CA HIS A 295 -63.81 -8.15 10.97
C HIS A 295 -64.88 -9.09 11.50
N ALA A 296 -65.78 -9.51 10.62
CA ALA A 296 -66.82 -10.46 10.99
C ALA A 296 -66.20 -11.83 11.28
N SER A 297 -65.18 -12.19 10.51
CA SER A 297 -64.50 -13.46 10.69
C SER A 297 -63.67 -13.47 11.97
N ILE A 298 -63.13 -12.31 12.33
CA ILE A 298 -62.37 -12.19 13.57
C ILE A 298 -63.29 -12.35 14.78
N ASP A 299 -64.44 -11.68 14.73
CA ASP A 299 -65.43 -11.78 15.79
C ASP A 299 -66.03 -13.18 15.87
N ALA A 300 -65.96 -13.91 14.76
CA ALA A 300 -66.48 -15.28 14.71
C ALA A 300 -65.63 -16.23 15.56
N GLN A 301 -64.37 -15.87 15.77
CA GLN A 301 -63.50 -16.65 16.63
C GLN A 301 -63.73 -16.31 18.10
N SER A 302 -63.72 -15.01 18.40
CA SER A 302 -63.96 -14.51 19.76
C SER A 302 -63.04 -15.15 20.79
N GLU B 2 34.10 2.88 -11.11
CA GLU B 2 32.99 1.98 -11.40
C GLU B 2 32.24 1.58 -10.13
N ARG B 3 31.01 2.04 -10.01
CA ARG B 3 30.17 1.72 -8.87
C ARG B 3 29.13 0.66 -9.23
N LEU B 4 29.28 -0.52 -8.67
CA LEU B 4 28.43 -1.65 -9.01
C LEU B 4 27.20 -1.76 -8.11
N LEU B 5 27.32 -1.24 -6.89
CA LEU B 5 26.20 -1.26 -5.96
C LEU B 5 25.30 -0.03 -6.15
N ASP B 6 24.02 -0.27 -6.42
CA ASP B 6 23.07 0.82 -6.57
C ASP B 6 22.80 1.49 -5.23
N GLU B 7 22.94 0.72 -4.16
CA GLU B 7 22.68 1.20 -2.80
C GLU B 7 23.66 0.55 -1.84
N LEU B 8 24.26 1.35 -0.96
CA LEU B 8 25.25 0.83 -0.01
C LEU B 8 24.63 0.20 1.23
N THR B 9 23.72 -0.76 1.01
CA THR B 9 23.08 -1.49 2.10
C THR B 9 23.12 -2.99 1.84
N LEU B 10 22.53 -3.76 2.75
CA LEU B 10 22.46 -5.21 2.60
C LEU B 10 21.65 -5.58 1.36
N GLU B 11 20.55 -4.85 1.16
CA GLU B 11 19.68 -5.08 0.01
C GLU B 11 20.42 -4.79 -1.29
N GLY B 12 21.38 -3.86 -1.23
CA GLY B 12 22.18 -3.51 -2.39
C GLY B 12 23.09 -4.64 -2.83
N VAL B 13 23.71 -5.30 -1.88
CA VAL B 13 24.60 -6.42 -2.17
C VAL B 13 23.83 -7.60 -2.74
N ALA B 14 22.65 -7.85 -2.18
CA ALA B 14 21.80 -8.94 -2.64
C ALA B 14 21.38 -8.76 -4.09
N ARG B 15 21.09 -7.52 -4.48
CA ARG B 15 20.74 -7.23 -5.86
C ARG B 15 21.95 -7.39 -6.77
N TYR B 16 23.13 -7.13 -6.22
CA TYR B 16 24.37 -7.30 -6.96
C TYR B 16 24.66 -8.78 -7.23
N MET B 17 24.39 -9.61 -6.23
CA MET B 17 24.62 -11.05 -6.36
C MET B 17 23.71 -11.64 -7.43
N GLN B 18 22.49 -11.12 -7.51
CA GLN B 18 21.51 -11.60 -8.48
C GLN B 18 21.81 -11.14 -9.89
N SER B 19 22.74 -10.20 -10.02
CA SER B 19 23.19 -9.73 -11.34
C SER B 19 24.10 -10.78 -11.98
N GLU B 20 24.34 -10.62 -13.27
CA GLU B 20 25.18 -11.57 -14.01
C GLU B 20 26.65 -11.27 -13.78
N ARG B 21 26.94 -10.07 -13.28
CA ARG B 21 28.30 -9.65 -13.02
C ARG B 21 28.92 -10.42 -11.85
N CYS B 22 28.08 -10.80 -10.89
CA CYS B 22 28.54 -11.47 -9.68
C CYS B 22 28.65 -12.99 -9.89
N ARG B 23 29.86 -13.45 -10.23
CA ARG B 23 30.08 -14.86 -10.51
C ARG B 23 31.00 -15.52 -9.48
N ARG B 24 32.04 -14.80 -9.06
CA ARG B 24 33.03 -15.37 -8.15
C ARG B 24 33.09 -14.62 -6.82
N VAL B 25 32.88 -15.34 -5.73
CA VAL B 25 32.83 -14.76 -4.39
C VAL B 25 33.93 -15.32 -3.49
N ILE B 26 34.67 -14.44 -2.84
CA ILE B 26 35.69 -14.85 -1.87
C ILE B 26 35.26 -14.47 -0.46
N CYS B 27 35.29 -15.44 0.45
CA CYS B 27 34.95 -15.19 1.85
C CYS B 27 36.20 -15.10 2.72
N LEU B 28 36.24 -14.09 3.58
CA LEU B 28 37.23 -14.01 4.64
C LEU B 28 36.50 -14.18 5.97
N VAL B 29 36.83 -15.23 6.71
CA VAL B 29 36.13 -15.50 7.95
C VAL B 29 37.05 -15.58 9.16
N GLY B 30 36.52 -15.18 10.32
CA GLY B 30 37.26 -15.22 11.57
C GLY B 30 36.52 -15.99 12.64
N ALA B 31 36.82 -15.67 13.90
CA ALA B 31 36.25 -16.39 15.03
C ALA B 31 34.75 -16.13 15.21
N GLY B 32 34.27 -15.02 14.66
CA GLY B 32 32.89 -14.61 14.83
C GLY B 32 31.86 -15.54 14.22
N ILE B 33 32.32 -16.48 13.39
CA ILE B 33 31.41 -17.40 12.72
C ILE B 33 31.27 -18.71 13.49
N SER B 34 32.13 -18.93 14.47
CA SER B 34 32.13 -20.18 15.23
C SER B 34 31.71 -19.99 16.68
N THR B 35 31.36 -18.76 17.04
CA THR B 35 30.97 -18.44 18.42
C THR B 35 29.65 -19.11 18.82
N SER B 36 28.72 -19.17 17.87
CA SER B 36 27.41 -19.73 18.15
C SER B 36 27.45 -21.26 18.29
N ALA B 37 28.49 -21.87 17.74
CA ALA B 37 28.64 -23.32 17.81
C ALA B 37 29.12 -23.77 19.19
N GLY B 38 29.58 -22.81 19.99
CA GLY B 38 30.03 -23.11 21.35
C GLY B 38 31.49 -22.77 21.58
N ILE B 39 32.19 -22.44 20.50
CA ILE B 39 33.60 -22.07 20.60
C ILE B 39 33.74 -20.60 20.95
N PRO B 40 34.43 -20.30 22.08
CA PRO B 40 34.55 -18.94 22.58
C PRO B 40 35.40 -18.05 21.68
N ASP B 41 35.06 -16.76 21.65
CA ASP B 41 35.80 -15.78 20.86
C ASP B 41 36.97 -15.25 21.69
N PHE B 42 38.18 -15.68 21.36
CA PHE B 42 39.37 -15.19 22.03
C PHE B 42 39.72 -13.81 21.49
N ARG B 43 40.59 -13.10 22.20
CA ARG B 43 40.90 -11.70 21.89
C ARG B 43 39.62 -10.86 21.92
N SER B 44 39.00 -10.82 23.10
CA SER B 44 37.73 -10.13 23.28
C SER B 44 37.53 -9.82 24.76
N PRO B 45 36.69 -8.81 25.07
CA PRO B 45 36.42 -8.47 26.47
C PRO B 45 35.73 -9.61 27.23
N SER B 46 35.93 -9.66 28.55
CA SER B 46 35.32 -10.69 29.37
C SER B 46 34.35 -10.09 30.37
N LEU B 53 40.23 -17.73 31.35
CA LEU B 53 41.67 -17.86 31.11
C LEU B 53 42.46 -17.73 32.41
N GLU B 54 41.75 -17.48 33.51
CA GLU B 54 42.38 -17.26 34.80
C GLU B 54 43.04 -18.52 35.36
N LYS B 55 42.52 -19.67 34.98
CA LYS B 55 43.03 -20.94 35.48
C LYS B 55 44.36 -21.32 34.84
N TYR B 56 44.66 -20.73 33.69
CA TYR B 56 45.87 -21.07 32.93
C TYR B 56 47.14 -20.50 33.55
N HIS B 57 46.98 -19.42 34.32
CA HIS B 57 48.12 -18.75 34.96
C HIS B 57 49.18 -18.29 33.95
N LEU B 58 48.74 -17.51 32.97
CA LEU B 58 49.62 -16.96 31.95
C LEU B 58 50.20 -15.64 32.42
N PRO B 59 51.41 -15.29 31.95
CA PRO B 59 51.98 -13.97 32.24
C PRO B 59 51.09 -12.89 31.65
N TYR B 60 50.56 -13.16 30.47
CA TYR B 60 49.54 -12.31 29.86
C TYR B 60 48.67 -13.18 28.95
N PRO B 61 47.39 -12.80 28.81
CA PRO B 61 46.43 -13.63 28.04
C PRO B 61 46.85 -13.87 26.60
N GLU B 62 47.57 -12.92 26.01
CA GLU B 62 47.95 -13.00 24.61
C GLU B 62 49.13 -13.94 24.37
N ALA B 63 49.60 -14.60 25.43
CA ALA B 63 50.76 -15.48 25.33
C ALA B 63 50.41 -16.87 24.84
N ILE B 64 49.14 -17.24 24.96
CA ILE B 64 48.70 -18.60 24.69
C ILE B 64 48.81 -19.00 23.21
N PHE B 65 48.89 -18.00 22.33
CA PHE B 65 49.01 -18.26 20.90
C PHE B 65 50.37 -17.84 20.35
N GLU B 66 51.37 -17.83 21.22
CA GLU B 66 52.72 -17.41 20.83
C GLU B 66 53.69 -18.57 20.80
N ILE B 67 54.55 -18.61 19.78
CA ILE B 67 55.44 -19.74 19.57
C ILE B 67 56.54 -19.86 20.62
N SER B 68 57.02 -18.73 21.12
CA SER B 68 58.06 -18.74 22.15
C SER B 68 57.53 -19.28 23.47
N TYR B 69 56.29 -18.94 23.80
CA TYR B 69 55.69 -19.43 25.02
C TYR B 69 55.28 -20.89 24.91
N PHE B 70 54.81 -21.29 23.72
CA PHE B 70 54.38 -22.67 23.49
C PHE B 70 55.52 -23.67 23.66
N LYS B 71 56.66 -23.38 23.03
CA LYS B 71 57.82 -24.27 23.06
C LYS B 71 58.29 -24.58 24.47
N LYS B 72 58.09 -23.64 25.39
CA LYS B 72 58.53 -23.82 26.78
C LYS B 72 57.36 -24.17 27.71
N HIS B 73 56.16 -23.75 27.34
CA HIS B 73 54.97 -24.02 28.15
C HIS B 73 53.75 -24.32 27.27
N PRO B 74 53.69 -25.54 26.73
CA PRO B 74 52.60 -25.92 25.81
C PRO B 74 51.32 -26.33 26.53
N GLU B 75 51.40 -26.52 27.84
CA GLU B 75 50.26 -27.00 28.63
C GLU B 75 48.96 -26.18 28.50
N PRO B 76 49.03 -24.84 28.65
CA PRO B 76 47.78 -24.07 28.56
C PRO B 76 47.12 -24.19 27.19
N PHE B 77 47.91 -24.21 26.12
CA PHE B 77 47.36 -24.30 24.78
C PHE B 77 46.62 -25.62 24.56
N PHE B 78 47.28 -26.73 24.92
CA PHE B 78 46.69 -28.05 24.79
C PHE B 78 45.44 -28.21 25.65
N ALA B 79 45.48 -27.61 26.84
CA ALA B 79 44.32 -27.62 27.73
C ALA B 79 43.19 -26.78 27.17
N LEU B 80 43.54 -25.81 26.33
CA LEU B 80 42.55 -24.98 25.65
C LEU B 80 42.14 -25.62 24.33
N ALA B 81 43.01 -26.48 23.81
CA ALA B 81 42.76 -27.12 22.52
C ALA B 81 41.53 -28.03 22.55
N LYS B 82 41.17 -28.51 23.74
CA LYS B 82 40.01 -29.39 23.90
C LYS B 82 38.69 -28.63 23.74
N GLU B 83 38.78 -27.31 23.80
CA GLU B 83 37.61 -26.43 23.76
C GLU B 83 37.18 -26.12 22.31
N LEU B 84 38.04 -26.42 21.33
CA LEU B 84 37.74 -26.13 19.92
C LEU B 84 38.19 -27.24 18.97
N TYR B 85 38.56 -28.39 19.52
CA TYR B 85 39.07 -29.49 18.72
C TYR B 85 37.99 -30.04 17.78
N PRO B 86 38.35 -30.28 16.51
CA PRO B 86 37.44 -30.80 15.50
C PRO B 86 36.80 -32.12 15.90
N GLY B 87 35.49 -32.23 15.72
CA GLY B 87 34.76 -33.44 16.07
C GLY B 87 33.88 -33.26 17.29
N GLN B 88 34.07 -32.15 18.00
CA GLN B 88 33.30 -31.87 19.21
C GLN B 88 32.20 -30.85 18.95
N PHE B 89 32.18 -30.28 17.76
CA PHE B 89 31.28 -29.18 17.45
C PHE B 89 30.63 -29.35 16.07
N LYS B 90 29.54 -28.60 15.83
CA LYS B 90 28.84 -28.64 14.54
C LYS B 90 28.82 -27.26 13.90
N PRO B 91 29.03 -27.20 12.56
CA PRO B 91 29.05 -25.95 11.80
C PRO B 91 27.79 -25.12 11.99
N THR B 92 27.90 -23.81 11.79
CA THR B 92 26.79 -22.90 12.06
C THR B 92 26.07 -22.52 10.78
N ILE B 93 25.07 -21.65 10.92
CA ILE B 93 24.32 -21.13 9.79
C ILE B 93 25.26 -20.41 8.82
N CYS B 94 26.23 -19.71 9.38
CA CYS B 94 27.20 -18.98 8.58
C CYS B 94 28.05 -19.92 7.72
N HIS B 95 28.48 -21.02 8.32
CA HIS B 95 29.26 -22.02 7.60
C HIS B 95 28.48 -22.62 6.43
N TYR B 96 27.24 -23.03 6.71
CA TYR B 96 26.41 -23.66 5.69
C TYR B 96 25.92 -22.66 4.63
N PHE B 97 26.11 -21.38 4.90
CA PHE B 97 25.83 -20.36 3.89
C PHE B 97 26.95 -20.36 2.86
N MET B 98 28.18 -20.58 3.33
CA MET B 98 29.31 -20.74 2.42
C MET B 98 29.18 -22.06 1.68
N ARG B 99 28.57 -23.04 2.34
CA ARG B 99 28.28 -24.32 1.72
C ARG B 99 27.26 -24.14 0.60
N LEU B 100 26.33 -23.22 0.80
CA LEU B 100 25.36 -22.89 -0.24
C LEU B 100 26.04 -22.20 -1.41
N LEU B 101 27.03 -21.35 -1.11
CA LEU B 101 27.80 -20.67 -2.14
C LEU B 101 28.58 -21.67 -2.98
N LYS B 102 29.04 -22.75 -2.34
CA LYS B 102 29.78 -23.79 -3.04
C LYS B 102 28.88 -24.58 -3.97
N ASP B 103 27.71 -24.97 -3.47
CA ASP B 103 26.76 -25.77 -4.26
C ASP B 103 26.12 -24.97 -5.38
N LYS B 104 26.13 -23.65 -5.25
CA LYS B 104 25.58 -22.78 -6.28
C LYS B 104 26.68 -22.27 -7.21
N GLY B 105 27.90 -22.72 -6.97
CA GLY B 105 29.03 -22.40 -7.83
C GLY B 105 29.44 -20.94 -7.81
N LEU B 106 29.25 -20.29 -6.66
CA LEU B 106 29.62 -18.89 -6.52
C LEU B 106 30.87 -18.72 -5.66
N LEU B 107 31.27 -19.80 -5.00
CA LEU B 107 32.42 -19.77 -4.10
C LEU B 107 33.73 -20.02 -4.82
N LEU B 108 34.58 -19.00 -4.88
CA LEU B 108 35.90 -19.13 -5.47
C LEU B 108 36.87 -19.69 -4.44
N ARG B 109 36.90 -19.06 -3.27
CA ARG B 109 37.76 -19.50 -2.18
C ARG B 109 37.23 -19.01 -0.84
N CYS B 110 37.58 -19.72 0.22
CA CYS B 110 37.26 -19.28 1.58
C CYS B 110 38.52 -19.24 2.44
N TYR B 111 38.91 -18.04 2.82
CA TYR B 111 40.07 -17.83 3.69
C TYR B 111 39.62 -17.80 5.14
N THR B 112 40.19 -18.67 5.96
CA THR B 112 39.77 -18.76 7.35
C THR B 112 40.91 -18.57 8.35
N GLN B 113 40.65 -17.77 9.38
CA GLN B 113 41.60 -17.58 10.47
C GLN B 113 41.42 -18.66 11.51
N ASN B 114 40.31 -19.38 11.43
CA ASN B 114 39.96 -20.38 12.42
C ASN B 114 40.78 -21.66 12.32
N ILE B 115 40.91 -22.36 13.44
CA ILE B 115 41.63 -23.63 13.49
C ILE B 115 40.71 -24.75 13.96
N ASP B 116 39.39 -24.52 13.87
CA ASP B 116 38.41 -25.52 14.29
C ASP B 116 38.07 -26.49 13.16
N THR B 117 38.42 -26.10 11.94
CA THR B 117 38.16 -26.89 10.74
C THR B 117 36.68 -27.26 10.60
N LEU B 118 35.81 -26.33 10.98
CA LEU B 118 34.37 -26.54 10.89
C LEU B 118 33.87 -26.40 9.46
N GLU B 119 34.52 -25.53 8.68
CA GLU B 119 34.12 -25.31 7.29
C GLU B 119 34.31 -26.57 6.45
N ARG B 120 35.32 -27.37 6.80
CA ARG B 120 35.53 -28.65 6.13
C ARG B 120 34.46 -29.65 6.55
N ILE B 121 34.04 -29.58 7.80
CA ILE B 121 32.92 -30.39 8.30
C ILE B 121 31.64 -29.93 7.63
N ALA B 122 31.57 -28.63 7.32
CA ALA B 122 30.40 -28.05 6.67
C ALA B 122 30.25 -28.50 5.22
N GLY B 123 31.27 -29.16 4.69
CA GLY B 123 31.20 -29.70 3.34
C GLY B 123 32.16 -29.09 2.35
N LEU B 124 32.78 -27.97 2.73
CA LEU B 124 33.77 -27.31 1.88
C LEU B 124 35.02 -28.18 1.78
N GLU B 125 35.49 -28.38 0.55
CA GLU B 125 36.64 -29.24 0.31
C GLU B 125 37.96 -28.47 0.41
N GLN B 126 39.07 -29.20 0.41
CA GLN B 126 40.40 -28.61 0.59
C GLN B 126 40.72 -27.56 -0.47
N GLU B 127 40.31 -27.82 -1.70
CA GLU B 127 40.57 -26.89 -2.81
C GLU B 127 39.89 -25.54 -2.59
N ASP B 128 38.71 -25.56 -1.99
CA ASP B 128 37.93 -24.34 -1.76
C ASP B 128 38.48 -23.53 -0.60
N LEU B 129 39.40 -24.12 0.15
CA LEU B 129 39.81 -23.58 1.44
C LEU B 129 41.25 -23.08 1.49
N VAL B 130 41.42 -21.93 2.12
CA VAL B 130 42.74 -21.46 2.52
C VAL B 130 42.76 -21.36 4.04
N GLU B 131 43.39 -22.33 4.68
CA GLU B 131 43.50 -22.35 6.13
C GLU B 131 44.75 -21.59 6.55
N ALA B 132 44.59 -20.28 6.71
CA ALA B 132 45.73 -19.38 6.94
C ALA B 132 46.53 -19.68 8.20
N HIS B 133 45.88 -20.24 9.21
CA HIS B 133 46.54 -20.46 10.49
C HIS B 133 46.72 -21.94 10.82
N GLY B 134 46.54 -22.80 9.82
CA GLY B 134 46.84 -24.22 9.99
C GLY B 134 45.65 -25.07 10.41
N THR B 135 45.95 -26.30 10.83
CA THR B 135 44.91 -27.24 11.21
C THR B 135 45.43 -28.26 12.23
N PHE B 136 44.50 -28.97 12.87
CA PHE B 136 44.85 -30.00 13.86
C PHE B 136 44.96 -31.38 13.22
N TYR B 137 44.65 -31.46 11.92
CA TYR B 137 44.63 -32.75 11.23
C TYR B 137 45.99 -33.43 11.21
N THR B 138 47.05 -32.63 11.21
CA THR B 138 48.41 -33.16 11.26
C THR B 138 49.25 -32.43 12.30
N SER B 139 50.18 -33.16 12.91
CA SER B 139 51.10 -32.58 13.87
C SER B 139 52.52 -33.01 13.55
N HIS B 140 53.50 -32.39 14.19
CA HIS B 140 54.90 -32.72 13.92
C HIS B 140 55.80 -32.58 15.15
N CYS B 141 56.91 -33.30 15.13
CA CYS B 141 57.92 -33.22 16.18
C CYS B 141 58.69 -31.91 16.02
N VAL B 142 59.02 -31.27 17.14
CA VAL B 142 59.72 -30.00 17.10
C VAL B 142 61.13 -30.11 16.52
N SER B 143 61.85 -31.16 16.93
CA SER B 143 63.22 -31.37 16.47
C SER B 143 63.28 -31.66 14.98
N ALA B 144 64.30 -31.12 14.32
CA ALA B 144 64.50 -31.34 12.89
C ALA B 144 65.04 -32.74 12.63
N SER B 145 65.58 -33.37 13.68
CA SER B 145 66.13 -34.72 13.56
C SER B 145 65.03 -35.77 13.42
N CYS B 146 63.97 -35.61 14.20
CA CYS B 146 62.88 -36.58 14.20
C CYS B 146 61.87 -36.32 13.08
N ARG B 147 61.18 -35.18 13.17
CA ARG B 147 60.18 -34.78 12.18
C ARG B 147 59.07 -35.81 11.99
N HIS B 148 58.67 -36.48 13.07
CA HIS B 148 57.63 -37.48 12.99
C HIS B 148 56.25 -36.84 12.94
N GLU B 149 55.43 -37.29 11.99
CA GLU B 149 54.09 -36.74 11.82
C GLU B 149 53.03 -37.60 12.52
N TYR B 150 52.04 -36.93 13.10
CA TYR B 150 50.96 -37.62 13.78
C TYR B 150 49.59 -37.17 13.26
N PRO B 151 48.67 -38.14 13.08
CA PRO B 151 47.32 -37.84 12.57
C PRO B 151 46.46 -37.12 13.59
N LEU B 152 45.23 -36.78 13.20
CA LEU B 152 44.30 -36.09 14.07
C LEU B 152 43.88 -36.98 15.23
N SER B 153 43.81 -38.28 14.98
CA SER B 153 43.38 -39.26 15.97
C SER B 153 44.36 -39.36 17.14
N TRP B 154 45.64 -39.33 16.82
CA TRP B 154 46.69 -39.45 17.83
C TRP B 154 46.70 -38.24 18.76
N MET B 155 46.73 -37.05 18.18
CA MET B 155 46.76 -35.80 18.95
C MET B 155 45.50 -35.66 19.80
N LYS B 156 44.37 -36.13 19.29
CA LYS B 156 43.10 -36.04 20.00
C LYS B 156 43.13 -36.85 21.30
N GLU B 157 43.80 -37.99 21.27
CA GLU B 157 43.91 -38.84 22.45
C GLU B 157 44.75 -38.17 23.52
N LYS B 158 45.75 -37.40 23.09
CA LYS B 158 46.65 -36.74 24.02
C LYS B 158 46.02 -35.52 24.67
N ILE B 159 45.20 -34.80 23.91
CA ILE B 159 44.59 -33.57 24.38
C ILE B 159 43.47 -33.81 25.40
N PHE B 160 42.61 -34.80 25.11
CA PHE B 160 41.48 -35.08 25.98
C PHE B 160 41.85 -36.00 27.14
N SER B 161 43.13 -36.34 27.25
CA SER B 161 43.61 -37.15 28.36
C SER B 161 44.46 -36.30 29.31
N GLU B 162 44.60 -35.02 28.97
CA GLU B 162 45.45 -34.09 29.71
C GLU B 162 46.90 -34.56 29.78
N VAL B 163 47.36 -35.21 28.71
CA VAL B 163 48.73 -35.67 28.62
C VAL B 163 49.48 -34.90 27.54
N THR B 164 50.60 -34.30 27.92
CA THR B 164 51.41 -33.51 26.97
C THR B 164 51.95 -34.39 25.84
N PRO B 165 51.57 -34.05 24.61
CA PRO B 165 51.98 -34.79 23.40
C PRO B 165 53.50 -34.87 23.26
N LYS B 166 54.06 -36.01 23.66
CA LYS B 166 55.49 -36.26 23.48
C LYS B 166 55.70 -37.26 22.36
N CYS B 167 56.83 -37.13 21.65
CA CYS B 167 57.12 -38.00 20.52
C CYS B 167 57.38 -39.44 20.98
N GLU B 168 57.16 -40.39 20.07
CA GLU B 168 57.34 -41.79 20.38
C GLU B 168 58.70 -42.31 19.94
N ASP B 169 59.53 -41.41 19.42
CA ASP B 169 60.86 -41.79 18.95
C ASP B 169 61.98 -41.14 19.78
N CYS B 170 61.95 -39.81 19.86
CA CYS B 170 62.99 -39.07 20.57
C CYS B 170 62.45 -38.35 21.81
N GLN B 171 61.24 -38.71 22.20
CA GLN B 171 60.59 -38.17 23.40
C GLN B 171 60.51 -36.64 23.40
N SER B 172 60.45 -36.05 22.21
CA SER B 172 60.42 -34.60 22.09
C SER B 172 58.99 -34.06 22.00
N LEU B 173 58.86 -32.75 21.95
CA LEU B 173 57.55 -32.09 21.94
C LEU B 173 56.85 -32.23 20.59
N VAL B 174 55.57 -32.59 20.63
CA VAL B 174 54.77 -32.72 19.42
C VAL B 174 53.84 -31.52 19.26
N LYS B 175 53.99 -30.82 18.15
CA LYS B 175 53.22 -29.60 17.91
C LYS B 175 52.26 -29.75 16.73
N PRO B 176 50.99 -29.37 16.93
CA PRO B 176 50.00 -29.33 15.85
C PRO B 176 50.43 -28.36 14.76
N ASP B 177 50.04 -28.62 13.52
CA ASP B 177 50.42 -27.75 12.41
C ASP B 177 49.61 -26.46 12.40
N ILE B 178 49.55 -25.81 13.56
CA ILE B 178 48.86 -24.54 13.72
C ILE B 178 49.90 -23.42 13.63
N VAL B 179 49.55 -22.35 12.93
CA VAL B 179 50.43 -21.19 12.86
C VAL B 179 50.26 -20.30 14.08
N PHE B 180 51.24 -20.35 14.99
CA PHE B 180 51.26 -19.46 16.14
C PHE B 180 51.83 -18.11 15.71
N PHE B 181 51.66 -17.09 16.55
CA PHE B 181 52.28 -15.81 16.29
C PHE B 181 53.79 -15.98 16.33
N GLY B 182 54.47 -15.50 15.29
CA GLY B 182 55.91 -15.67 15.18
C GLY B 182 56.27 -16.75 14.18
N GLU B 183 55.25 -17.37 13.58
CA GLU B 183 55.48 -18.42 12.59
C GLU B 183 54.98 -18.02 11.20
N SER B 184 55.67 -18.50 10.18
CA SER B 184 55.28 -18.22 8.80
C SER B 184 53.96 -18.89 8.46
N LEU B 185 53.16 -18.22 7.64
CA LEU B 185 51.93 -18.79 7.12
C LEU B 185 52.26 -19.80 6.02
N PRO B 186 51.35 -20.75 5.75
CA PRO B 186 51.63 -21.75 4.71
C PRO B 186 51.77 -21.10 3.33
N ALA B 187 52.57 -21.71 2.46
CA ALA B 187 52.85 -21.16 1.14
C ALA B 187 51.59 -20.97 0.31
N ARG B 188 50.60 -21.84 0.52
CA ARG B 188 49.33 -21.80 -0.20
C ARG B 188 48.64 -20.45 -0.05
N PHE B 189 48.77 -19.85 1.14
CA PHE B 189 48.16 -18.56 1.43
C PHE B 189 48.60 -17.47 0.43
N PHE B 190 49.89 -17.46 0.13
CA PHE B 190 50.46 -16.41 -0.71
C PHE B 190 50.25 -16.65 -2.21
N SER B 191 50.32 -17.91 -2.63
CA SER B 191 50.10 -18.23 -4.04
C SER B 191 48.62 -18.11 -4.42
N CYS B 192 47.74 -18.38 -3.45
CA CYS B 192 46.29 -18.26 -3.69
C CYS B 192 45.84 -16.80 -3.75
N MET B 193 46.35 -15.97 -2.84
CA MET B 193 45.95 -14.57 -2.78
C MET B 193 46.35 -13.81 -4.04
N GLN B 194 47.43 -14.27 -4.68
CA GLN B 194 47.92 -13.64 -5.89
C GLN B 194 46.98 -13.82 -7.09
N SER B 195 46.40 -15.01 -7.20
CA SER B 195 45.57 -15.33 -8.36
C SER B 195 44.07 -15.23 -8.11
N ASP B 196 43.63 -15.54 -6.90
CA ASP B 196 42.20 -15.54 -6.59
C ASP B 196 41.57 -14.16 -6.70
N PHE B 197 42.29 -13.13 -6.26
CA PHE B 197 41.76 -11.78 -6.24
C PHE B 197 41.83 -11.08 -7.61
N LEU B 198 42.32 -11.79 -8.61
CA LEU B 198 42.31 -11.28 -9.98
C LEU B 198 40.90 -11.33 -10.55
N LYS B 199 40.11 -12.27 -10.04
CA LYS B 199 38.79 -12.53 -10.61
C LYS B 199 37.69 -12.62 -9.56
N VAL B 200 37.83 -11.88 -8.47
CA VAL B 200 36.79 -11.86 -7.45
C VAL B 200 35.77 -10.75 -7.70
N ASP B 201 34.49 -11.10 -7.67
CA ASP B 201 33.42 -10.16 -7.97
C ASP B 201 32.81 -9.59 -6.69
N LEU B 202 32.95 -10.32 -5.58
CA LEU B 202 32.37 -9.89 -4.31
C LEU B 202 33.19 -10.42 -3.13
N LEU B 203 33.46 -9.54 -2.18
CA LEU B 203 34.22 -9.91 -0.99
C LEU B 203 33.32 -9.97 0.24
N LEU B 204 33.21 -11.16 0.83
CA LEU B 204 32.45 -11.34 2.06
C LEU B 204 33.38 -11.46 3.26
N VAL B 205 33.39 -10.42 4.10
CA VAL B 205 34.19 -10.44 5.31
C VAL B 205 33.27 -10.66 6.51
N MET B 206 33.28 -11.87 7.05
CA MET B 206 32.35 -12.24 8.10
C MET B 206 33.05 -12.72 9.37
N GLY B 207 32.59 -12.24 10.51
CA GLY B 207 33.06 -12.72 11.81
C GLY B 207 34.49 -12.42 12.15
N THR B 208 35.01 -11.30 11.66
CA THR B 208 36.38 -10.91 11.97
C THR B 208 36.54 -9.40 12.03
N SER B 209 37.30 -8.93 13.02
CA SER B 209 37.59 -7.51 13.15
C SER B 209 38.93 -7.19 12.49
N LEU B 210 39.48 -8.17 11.80
CA LEU B 210 40.73 -8.03 11.06
C LEU B 210 41.87 -7.52 11.95
N GLN B 211 42.21 -8.31 12.97
CA GLN B 211 43.25 -7.91 13.93
C GLN B 211 44.51 -8.75 13.80
N VAL B 212 44.56 -9.61 12.79
CA VAL B 212 45.73 -10.46 12.59
C VAL B 212 46.30 -10.31 11.18
N GLN B 213 47.60 -10.05 11.11
CA GLN B 213 48.29 -9.96 9.83
C GLN B 213 49.04 -11.27 9.56
N PRO B 214 49.30 -11.59 8.29
CA PRO B 214 49.00 -10.81 7.09
C PRO B 214 47.58 -11.03 6.58
N PHE B 215 46.76 -11.78 7.31
CA PHE B 215 45.39 -12.06 6.91
C PHE B 215 44.61 -10.78 6.65
N ALA B 216 44.74 -9.82 7.56
CA ALA B 216 43.96 -8.59 7.51
C ALA B 216 44.22 -7.78 6.23
N SER B 217 45.41 -7.96 5.65
CA SER B 217 45.79 -7.21 4.46
C SER B 217 45.08 -7.72 3.20
N LEU B 218 44.39 -8.85 3.32
CA LEU B 218 43.72 -9.47 2.17
C LEU B 218 42.67 -8.60 1.50
N ILE B 219 42.07 -7.68 2.28
CA ILE B 219 41.01 -6.82 1.77
C ILE B 219 41.53 -5.83 0.72
N SER B 220 42.83 -5.55 0.76
CA SER B 220 43.44 -4.60 -0.17
C SER B 220 43.80 -5.27 -1.49
N LYS B 221 43.57 -6.58 -1.57
CA LYS B 221 43.87 -7.34 -2.78
C LYS B 221 42.68 -7.35 -3.74
N ALA B 222 41.53 -6.93 -3.24
CA ALA B 222 40.32 -6.86 -4.06
C ALA B 222 40.45 -5.72 -5.06
N PRO B 223 39.95 -5.93 -6.29
CA PRO B 223 39.90 -4.87 -7.29
C PRO B 223 39.08 -3.68 -6.78
N LEU B 224 39.35 -2.50 -7.31
CA LEU B 224 38.68 -1.28 -6.85
C LEU B 224 37.16 -1.36 -7.00
N SER B 225 36.69 -2.04 -8.04
CA SER B 225 35.27 -2.11 -8.33
C SER B 225 34.55 -3.17 -7.50
N THR B 226 35.30 -4.17 -7.05
CA THR B 226 34.73 -5.30 -6.31
C THR B 226 34.13 -4.88 -4.96
N PRO B 227 32.80 -5.02 -4.82
CA PRO B 227 32.09 -4.69 -3.57
C PRO B 227 32.59 -5.54 -2.40
N ARG B 228 32.60 -4.95 -1.21
CA ARG B 228 33.06 -5.66 -0.01
C ARG B 228 32.05 -5.53 1.12
N LEU B 229 31.47 -6.66 1.52
CA LEU B 229 30.44 -6.67 2.57
C LEU B 229 30.99 -7.20 3.88
N LEU B 230 30.89 -6.38 4.93
CA LEU B 230 31.36 -6.76 6.25
C LEU B 230 30.18 -7.17 7.14
N ILE B 231 30.23 -8.41 7.63
CA ILE B 231 29.25 -8.89 8.59
C ILE B 231 29.93 -9.19 9.92
N ASN B 232 29.83 -8.25 10.85
CA ASN B 232 30.53 -8.35 12.13
C ASN B 232 29.75 -7.63 13.23
N LYS B 233 30.23 -7.75 14.47
CA LYS B 233 29.59 -7.09 15.60
C LYS B 233 30.01 -5.62 15.68
N GLU B 234 30.92 -5.23 14.79
CA GLU B 234 31.45 -3.87 14.79
C GLU B 234 32.15 -3.61 13.46
N LYS B 235 32.33 -2.34 13.12
CA LYS B 235 33.05 -1.96 11.92
C LYS B 235 34.53 -2.30 12.07
N ALA B 236 35.18 -2.59 10.95
CA ALA B 236 36.59 -2.97 10.98
C ALA B 236 37.26 -2.75 9.64
N GLY B 237 38.59 -2.78 9.63
CA GLY B 237 39.36 -2.71 8.40
C GLY B 237 39.35 -1.36 7.72
N GLN B 238 39.07 -0.31 8.50
CA GLN B 238 39.01 1.04 7.95
C GLN B 238 40.38 1.71 7.93
N SER B 239 41.28 1.24 8.78
CA SER B 239 42.63 1.79 8.84
C SER B 239 43.50 1.23 7.71
N ASP B 240 44.81 1.44 7.81
CA ASP B 240 45.75 0.99 6.80
C ASP B 240 45.89 -0.54 6.82
N PRO B 241 45.64 -1.19 5.67
CA PRO B 241 45.73 -2.65 5.54
C PRO B 241 47.16 -3.18 5.66
N PHE B 242 48.14 -2.29 5.53
CA PHE B 242 49.54 -2.63 5.78
C PHE B 242 50.05 -3.75 4.87
N LEU B 243 49.61 -3.75 3.61
CA LEU B 243 50.02 -4.78 2.66
C LEU B 243 51.53 -4.79 2.46
N GLY B 244 52.14 -5.97 2.59
CA GLY B 244 53.58 -6.10 2.48
C GLY B 244 54.32 -5.38 3.59
N MET B 245 53.58 -5.03 4.64
CA MET B 245 54.09 -4.19 5.72
C MET B 245 54.67 -2.88 5.18
N ILE B 246 53.89 -2.22 4.34
CA ILE B 246 54.23 -0.92 3.79
C ILE B 246 53.02 0.01 3.93
N MET B 247 53.24 1.21 4.44
CA MET B 247 52.16 2.15 4.71
C MET B 247 51.66 2.85 3.46
N GLY B 248 50.37 3.18 3.46
CA GLY B 248 49.78 3.97 2.40
C GLY B 248 49.78 3.33 1.03
N LEU B 249 49.16 2.16 0.92
CA LEU B 249 49.00 1.51 -0.37
C LEU B 249 47.52 1.36 -0.71
N GLY B 250 46.67 1.83 0.19
CA GLY B 250 45.24 1.79 -0.02
C GLY B 250 44.62 0.43 0.30
N GLY B 251 43.30 0.36 0.22
CA GLY B 251 42.59 -0.90 0.43
C GLY B 251 41.71 -0.90 1.66
N GLY B 252 41.86 0.12 2.49
CA GLY B 252 41.08 0.24 3.71
C GLY B 252 39.59 0.35 3.44
N MET B 253 38.78 -0.23 4.32
CA MET B 253 37.33 -0.15 4.22
C MET B 253 36.86 1.30 4.28
N ASP B 254 35.87 1.65 3.47
CA ASP B 254 35.28 2.97 3.50
C ASP B 254 33.76 2.90 3.49
N PHE B 255 33.15 3.03 4.66
CA PHE B 255 31.70 2.93 4.79
C PHE B 255 31.01 4.29 4.83
N ASP B 256 31.59 5.22 5.58
CA ASP B 256 30.88 6.42 6.00
C ASP B 256 31.28 7.73 5.32
N SER B 257 32.48 7.77 4.73
CA SER B 257 32.97 9.01 4.13
C SER B 257 32.16 9.39 2.90
N LYS B 258 32.42 10.59 2.38
CA LYS B 258 31.68 11.09 1.23
C LYS B 258 31.98 10.29 -0.02
N LYS B 259 33.17 9.70 -0.06
CA LYS B 259 33.63 8.99 -1.26
C LYS B 259 33.35 7.50 -1.22
N ALA B 260 32.61 7.05 -0.20
CA ALA B 260 32.30 5.63 -0.06
C ALA B 260 31.47 5.15 -1.25
N TYR B 261 31.79 3.98 -1.78
CA TYR B 261 31.17 3.54 -3.02
C TYR B 261 30.91 2.04 -3.12
N ARG B 262 31.67 1.24 -2.38
CA ARG B 262 31.60 -0.21 -2.53
C ARG B 262 31.51 -0.99 -1.22
N ASP B 263 31.82 -0.34 -0.12
CA ASP B 263 31.88 -1.04 1.16
C ASP B 263 30.58 -0.90 1.95
N VAL B 264 30.08 -2.03 2.44
CA VAL B 264 28.84 -2.04 3.20
C VAL B 264 29.06 -2.79 4.52
N ALA B 265 28.64 -2.19 5.62
CA ALA B 265 28.82 -2.80 6.93
C ALA B 265 27.50 -3.17 7.59
N TRP B 266 27.28 -4.47 7.78
CA TRP B 266 26.10 -4.96 8.48
C TRP B 266 26.50 -5.41 9.89
N LEU B 267 25.95 -4.74 10.90
CA LEU B 267 26.33 -5.02 12.28
C LEU B 267 25.41 -6.04 12.93
N GLY B 268 26.00 -6.96 13.70
CA GLY B 268 25.24 -7.98 14.39
C GLY B 268 25.88 -9.35 14.32
N GLU B 269 25.17 -10.37 14.80
CA GLU B 269 25.67 -11.74 14.79
C GLU B 269 25.79 -12.27 13.36
N CYS B 270 26.67 -13.25 13.18
CA CYS B 270 26.92 -13.79 11.84
C CYS B 270 25.77 -14.67 11.33
N ASP B 271 25.21 -15.48 12.21
CA ASP B 271 24.07 -16.31 11.86
C ASP B 271 22.88 -15.43 11.45
N GLN B 272 22.62 -14.41 12.26
CA GLN B 272 21.54 -13.47 11.97
C GLN B 272 21.87 -12.63 10.74
N GLY B 273 23.15 -12.53 10.43
CA GLY B 273 23.59 -11.78 9.26
C GLY B 273 23.44 -12.57 7.98
N CYS B 274 23.73 -13.86 8.05
CA CYS B 274 23.62 -14.74 6.87
C CYS B 274 22.17 -15.06 6.56
N LEU B 275 21.36 -15.20 7.61
CA LEU B 275 19.93 -15.44 7.43
C LEU B 275 19.28 -14.27 6.69
N ALA B 276 19.64 -13.05 7.10
CA ALA B 276 19.11 -11.85 6.49
C ALA B 276 19.50 -11.76 5.02
N LEU B 277 20.71 -12.21 4.71
CA LEU B 277 21.22 -12.17 3.35
C LEU B 277 20.58 -13.25 2.48
N ALA B 278 20.35 -14.41 3.06
CA ALA B 278 19.73 -15.53 2.34
C ALA B 278 18.29 -15.21 1.98
N GLU B 279 17.60 -14.51 2.87
CA GLU B 279 16.21 -14.12 2.64
C GLU B 279 16.08 -13.21 1.42
N LEU B 280 16.92 -12.19 1.37
CA LEU B 280 16.89 -11.22 0.27
C LEU B 280 17.23 -11.88 -1.06
N LEU B 281 17.89 -13.03 -1.01
CA LEU B 281 18.21 -13.79 -2.21
C LEU B 281 17.18 -14.89 -2.43
N GLY B 282 16.45 -15.22 -1.36
CA GLY B 282 15.45 -16.27 -1.43
C GLY B 282 16.06 -17.64 -1.19
N TRP B 283 17.00 -17.70 -0.25
CA TRP B 283 17.68 -18.95 0.08
C TRP B 283 17.37 -19.37 1.51
N LYS B 284 16.57 -18.55 2.19
CA LYS B 284 16.27 -18.74 3.62
C LYS B 284 15.70 -20.13 3.92
N LYS B 285 14.88 -20.65 3.01
CA LYS B 285 14.30 -21.97 3.18
C LYS B 285 15.35 -23.06 3.02
N GLU B 286 16.05 -23.04 1.88
CA GLU B 286 17.05 -24.05 1.56
C GLU B 286 18.16 -24.11 2.62
N LEU B 287 18.55 -22.94 3.12
CA LEU B 287 19.61 -22.85 4.11
C LEU B 287 19.24 -23.55 5.41
N GLU B 288 18.07 -23.23 5.95
CA GLU B 288 17.61 -23.80 7.20
C GLU B 288 17.36 -25.30 7.09
N ASP B 289 17.00 -25.76 5.89
CA ASP B 289 16.86 -27.18 5.63
C ASP B 289 18.21 -27.86 5.77
N LEU B 290 19.22 -27.28 5.14
CA LEU B 290 20.58 -27.82 5.16
C LEU B 290 21.13 -27.90 6.57
N VAL B 291 20.90 -26.87 7.37
CA VAL B 291 21.38 -26.82 8.75
C VAL B 291 20.76 -27.94 9.58
N ARG B 292 19.44 -28.05 9.55
CA ARG B 292 18.73 -29.09 10.28
C ARG B 292 19.12 -30.48 9.79
N ARG B 293 19.31 -30.61 8.48
CA ARG B 293 19.64 -31.89 7.87
C ARG B 293 21.07 -32.35 8.18
N GLU B 294 22.03 -31.43 8.08
CA GLU B 294 23.42 -31.77 8.33
C GLU B 294 23.70 -32.08 9.80
N HIS B 295 23.02 -31.38 10.70
CA HIS B 295 23.16 -31.63 12.12
C HIS B 295 22.62 -33.01 12.51
N ALA B 296 21.58 -33.43 11.79
CA ALA B 296 21.01 -34.75 12.01
C ALA B 296 21.95 -35.83 11.52
N SER B 297 22.70 -35.52 10.46
CA SER B 297 23.65 -36.45 9.88
C SER B 297 24.87 -36.65 10.79
N ILE B 298 25.29 -35.58 11.44
CA ILE B 298 26.44 -35.64 12.35
C ILE B 298 26.08 -36.42 13.62
N ASP B 299 24.91 -36.13 14.19
CA ASP B 299 24.44 -36.82 15.38
C ASP B 299 24.17 -38.30 15.11
N ALA B 300 23.90 -38.63 13.85
CA ALA B 300 23.65 -40.01 13.45
C ALA B 300 24.92 -40.85 13.51
N GLN B 301 26.06 -40.18 13.41
CA GLN B 301 27.35 -40.87 13.46
C GLN B 301 27.99 -40.78 14.84
N SER B 302 27.15 -40.63 15.86
CA SER B 302 27.62 -40.54 17.23
C SER B 302 26.61 -41.11 18.22
N ARG C 3 -7.16 47.31 -17.62
CA ARG C 3 -6.73 46.12 -16.90
C ARG C 3 -7.16 44.85 -17.62
N LEU C 4 -6.21 44.20 -18.29
CA LEU C 4 -6.50 42.96 -19.01
C LEU C 4 -6.63 41.77 -18.05
N LEU C 5 -6.16 41.95 -16.81
CA LEU C 5 -6.30 40.93 -15.79
C LEU C 5 -7.47 41.27 -14.87
N ASP C 6 -8.42 40.35 -14.75
CA ASP C 6 -9.57 40.57 -13.88
C ASP C 6 -9.13 40.62 -12.42
N GLU C 7 -8.16 39.78 -12.06
CA GLU C 7 -7.54 39.85 -10.74
C GLU C 7 -6.05 39.48 -10.85
N LEU C 8 -5.26 39.95 -9.90
CA LEU C 8 -3.82 39.74 -9.95
C LEU C 8 -3.41 38.41 -9.32
N THR C 9 -3.88 37.31 -9.89
CA THR C 9 -3.53 35.98 -9.43
C THR C 9 -3.19 35.07 -10.60
N LEU C 10 -2.89 33.81 -10.30
CA LEU C 10 -2.62 32.81 -11.33
C LEU C 10 -3.88 32.57 -12.15
N GLU C 11 -5.02 32.52 -11.48
CA GLU C 11 -6.31 32.33 -12.14
C GLU C 11 -6.63 33.48 -13.08
N GLY C 12 -6.28 34.70 -12.66
CA GLY C 12 -6.46 35.86 -13.50
C GLY C 12 -5.64 35.76 -14.77
N VAL C 13 -4.42 35.26 -14.63
CA VAL C 13 -3.54 35.05 -15.78
C VAL C 13 -4.13 33.98 -16.69
N ALA C 14 -4.60 32.89 -16.09
CA ALA C 14 -5.18 31.78 -16.83
C ALA C 14 -6.38 32.23 -17.65
N ARG C 15 -7.31 32.95 -17.01
CA ARG C 15 -8.49 33.46 -17.69
C ARG C 15 -8.13 34.41 -18.82
N TYR C 16 -7.05 35.17 -18.64
CA TYR C 16 -6.59 36.09 -19.67
C TYR C 16 -6.02 35.32 -20.86
N MET C 17 -5.33 34.22 -20.58
CA MET C 17 -4.77 33.38 -21.64
C MET C 17 -5.89 32.74 -22.46
N GLN C 18 -7.04 32.55 -21.83
CA GLN C 18 -8.19 31.95 -22.49
C GLN C 18 -8.94 32.97 -23.36
N SER C 19 -8.65 34.26 -23.15
CA SER C 19 -9.29 35.31 -23.93
C SER C 19 -8.67 35.36 -25.33
N GLU C 20 -9.41 35.96 -26.26
CA GLU C 20 -8.97 36.04 -27.65
C GLU C 20 -7.79 36.99 -27.82
N ARG C 21 -7.75 38.04 -27.00
CA ARG C 21 -6.72 39.07 -27.11
C ARG C 21 -5.31 38.52 -26.84
N CYS C 22 -5.24 37.47 -26.02
CA CYS C 22 -3.96 36.86 -25.67
C CYS C 22 -3.52 35.86 -26.75
N ARG C 23 -2.74 36.34 -27.71
CA ARG C 23 -2.32 35.53 -28.85
C ARG C 23 -0.83 35.23 -28.86
N ARG C 24 -0.04 36.16 -28.33
CA ARG C 24 1.42 36.05 -28.38
C ARG C 24 2.06 36.06 -26.99
N VAL C 25 2.80 35.00 -26.68
CA VAL C 25 3.47 34.87 -25.39
C VAL C 25 4.97 34.73 -25.56
N ILE C 26 5.72 35.54 -24.82
CA ILE C 26 7.19 35.44 -24.80
C ILE C 26 7.67 34.92 -23.45
N CYS C 27 8.53 33.91 -23.48
CA CYS C 27 9.09 33.36 -22.25
C CYS C 27 10.49 33.90 -21.96
N LEU C 28 10.66 34.45 -20.77
CA LEU C 28 11.96 34.83 -20.26
C LEU C 28 12.35 33.86 -19.16
N VAL C 29 13.29 32.97 -19.44
CA VAL C 29 13.62 31.91 -18.50
C VAL C 29 15.06 31.95 -18.00
N GLY C 30 15.28 31.39 -16.82
CA GLY C 30 16.60 31.37 -16.20
C GLY C 30 16.96 30.01 -15.64
N ALA C 31 17.98 29.98 -14.78
CA ALA C 31 18.52 28.73 -14.25
C ALA C 31 17.53 27.93 -13.42
N GLY C 32 16.49 28.61 -12.93
CA GLY C 32 15.51 27.98 -12.07
C GLY C 32 14.69 26.89 -12.75
N ILE C 33 14.58 26.96 -14.07
CA ILE C 33 13.75 26.02 -14.81
C ILE C 33 14.46 24.70 -15.12
N SER C 34 15.74 24.63 -14.81
CA SER C 34 16.53 23.45 -15.10
C SER C 34 17.09 22.78 -13.85
N THR C 35 16.73 23.32 -12.67
CA THR C 35 17.23 22.78 -11.41
C THR C 35 16.74 21.36 -11.14
N SER C 36 15.47 21.09 -11.48
CA SER C 36 14.89 19.78 -11.22
C SER C 36 15.40 18.73 -12.22
N ALA C 37 16.17 19.16 -13.20
CA ALA C 37 16.78 18.25 -14.15
C ALA C 37 18.03 17.61 -13.53
N GLY C 38 18.58 18.28 -12.54
CA GLY C 38 19.80 17.83 -11.89
C GLY C 38 20.92 18.84 -12.02
N ILE C 39 20.61 19.96 -12.68
CA ILE C 39 21.60 21.01 -12.89
C ILE C 39 21.50 22.07 -11.80
N PRO C 40 22.61 22.33 -11.09
CA PRO C 40 22.66 23.34 -10.02
C PRO C 40 22.40 24.76 -10.53
N ASP C 41 22.02 25.65 -9.64
CA ASP C 41 21.63 27.00 -10.00
C ASP C 41 22.82 27.92 -10.31
N PHE C 42 23.90 27.74 -9.55
CA PHE C 42 25.16 28.49 -9.75
C PHE C 42 25.06 29.98 -9.43
N ARG C 43 23.87 30.47 -9.12
CA ARG C 43 23.67 31.89 -8.87
C ARG C 43 23.32 32.18 -7.41
N SER C 44 23.17 31.13 -6.63
CA SER C 44 22.83 31.27 -5.22
C SER C 44 23.76 30.43 -4.34
N PRO C 45 24.21 31.01 -3.21
CA PRO C 45 25.11 30.33 -2.27
C PRO C 45 24.35 29.63 -1.16
N ASN C 52 30.92 23.31 -4.13
CA ASN C 52 32.01 22.40 -4.44
C ASN C 52 33.06 23.03 -5.35
N LEU C 53 33.19 24.35 -5.27
CA LEU C 53 34.12 25.09 -6.11
C LEU C 53 35.39 25.43 -5.34
N GLU C 54 35.77 24.57 -4.39
CA GLU C 54 36.88 24.85 -3.50
C GLU C 54 38.22 24.30 -4.01
N LYS C 55 38.17 23.32 -4.90
CA LYS C 55 39.37 22.69 -5.41
C LYS C 55 40.00 23.49 -6.55
N TYR C 56 39.26 24.47 -7.04
CA TYR C 56 39.71 25.27 -8.18
C TYR C 56 40.71 26.34 -7.74
N HIS C 57 40.68 26.67 -6.46
CA HIS C 57 41.46 27.78 -5.90
C HIS C 57 41.15 29.10 -6.59
N LEU C 58 39.86 29.33 -6.84
CA LEU C 58 39.41 30.58 -7.45
C LEU C 58 39.61 31.74 -6.48
N PRO C 59 39.96 32.91 -7.02
CA PRO C 59 40.08 34.11 -6.19
C PRO C 59 38.73 34.49 -5.61
N TYR C 60 37.67 34.21 -6.36
CA TYR C 60 36.30 34.40 -5.92
C TYR C 60 35.36 33.63 -6.85
N PRO C 61 34.27 33.08 -6.31
CA PRO C 61 33.37 32.18 -7.06
C PRO C 61 32.86 32.74 -8.38
N GLU C 62 32.60 34.05 -8.43
CA GLU C 62 32.07 34.68 -9.64
C GLU C 62 33.06 34.63 -10.82
N ALA C 63 34.34 34.45 -10.52
CA ALA C 63 35.39 34.51 -11.53
C ALA C 63 35.30 33.40 -12.58
N ILE C 64 34.58 32.33 -12.26
CA ILE C 64 34.52 31.16 -13.13
C ILE C 64 33.69 31.43 -14.40
N PHE C 65 32.95 32.54 -14.41
CA PHE C 65 32.17 32.93 -15.58
C PHE C 65 32.63 34.28 -16.14
N GLU C 66 33.83 34.70 -15.76
CA GLU C 66 34.38 35.96 -16.25
C GLU C 66 35.39 35.71 -17.37
N ILE C 67 35.26 36.47 -18.46
CA ILE C 67 36.07 36.26 -19.65
C ILE C 67 37.56 36.50 -19.40
N SER C 68 37.88 37.50 -18.59
CA SER C 68 39.26 37.83 -18.31
C SER C 68 39.95 36.70 -17.55
N TYR C 69 39.24 36.13 -16.59
CA TYR C 69 39.80 35.03 -15.81
C TYR C 69 39.83 33.72 -16.61
N PHE C 70 38.90 33.59 -17.54
CA PHE C 70 38.83 32.38 -18.36
C PHE C 70 40.06 32.22 -19.26
N LYS C 71 40.51 33.32 -19.85
CA LYS C 71 41.64 33.27 -20.79
C LYS C 71 42.95 32.90 -20.11
N LYS C 72 43.05 33.14 -18.81
CA LYS C 72 44.24 32.77 -18.05
C LYS C 72 44.09 31.41 -17.40
N HIS C 73 42.94 31.18 -16.77
CA HIS C 73 42.67 29.92 -16.09
C HIS C 73 41.35 29.31 -16.55
N PRO C 74 41.36 28.66 -17.73
CA PRO C 74 40.15 28.07 -18.30
C PRO C 74 39.79 26.73 -17.66
N GLU C 75 40.65 26.21 -16.79
CA GLU C 75 40.46 24.91 -16.17
C GLU C 75 39.16 24.74 -15.35
N PRO C 76 38.87 25.66 -14.40
CA PRO C 76 37.67 25.49 -13.59
C PRO C 76 36.37 25.43 -14.40
N PHE C 77 36.24 26.29 -15.39
CA PHE C 77 35.03 26.34 -16.21
C PHE C 77 34.82 25.04 -16.99
N PHE C 78 35.88 24.54 -17.61
CA PHE C 78 35.81 23.30 -18.37
C PHE C 78 35.51 22.12 -17.45
N ALA C 79 35.93 22.21 -16.20
CA ALA C 79 35.61 21.19 -15.21
C ALA C 79 34.14 21.29 -14.82
N LEU C 80 33.64 22.52 -14.78
CA LEU C 80 32.25 22.78 -14.43
C LEU C 80 31.31 22.44 -15.59
N ALA C 81 31.80 22.60 -16.81
CA ALA C 81 31.00 22.43 -18.02
C ALA C 81 30.41 21.03 -18.14
N LYS C 82 31.14 20.04 -17.64
CA LYS C 82 30.72 18.65 -17.76
C LYS C 82 29.43 18.36 -16.98
N GLU C 83 29.19 19.12 -15.93
CA GLU C 83 28.00 18.94 -15.11
C GLU C 83 26.83 19.72 -15.68
N LEU C 84 27.00 20.25 -16.88
CA LEU C 84 26.02 21.12 -17.50
C LEU C 84 25.84 20.76 -18.97
N TYR C 85 26.80 20.01 -19.49
CA TYR C 85 26.88 19.74 -20.92
C TYR C 85 25.65 19.03 -21.48
N PRO C 86 25.15 19.52 -22.63
CA PRO C 86 24.02 18.96 -23.39
C PRO C 86 24.15 17.46 -23.62
N GLY C 87 23.04 16.74 -23.46
CA GLY C 87 23.02 15.31 -23.67
C GLY C 87 23.10 14.51 -22.39
N GLN C 88 23.35 15.21 -21.28
CA GLN C 88 23.51 14.56 -19.99
C GLN C 88 22.28 14.74 -19.11
N PHE C 89 21.34 15.57 -19.57
CA PHE C 89 20.17 15.89 -18.78
C PHE C 89 18.88 15.89 -19.61
N LYS C 90 17.77 15.63 -18.93
CA LYS C 90 16.46 15.65 -19.56
C LYS C 90 15.74 16.94 -19.22
N PRO C 91 15.06 17.55 -20.20
CA PRO C 91 14.28 18.77 -19.97
C PRO C 91 13.23 18.57 -18.88
N THR C 92 12.96 19.63 -18.13
CA THR C 92 12.00 19.55 -17.02
C THR C 92 10.57 19.78 -17.50
N ILE C 93 9.63 19.76 -16.57
CA ILE C 93 8.22 20.01 -16.87
C ILE C 93 8.05 21.41 -17.44
N CYS C 94 8.78 22.36 -16.88
CA CYS C 94 8.73 23.74 -17.32
C CYS C 94 9.14 23.88 -18.79
N HIS C 95 10.16 23.13 -19.19
CA HIS C 95 10.61 23.13 -20.58
C HIS C 95 9.49 22.65 -21.51
N TYR C 96 8.90 21.51 -21.18
CA TYR C 96 7.85 20.93 -22.00
C TYR C 96 6.56 21.73 -21.96
N PHE C 97 6.42 22.62 -20.97
CA PHE C 97 5.29 23.54 -20.94
C PHE C 97 5.43 24.55 -22.08
N MET C 98 6.67 24.98 -22.33
CA MET C 98 6.93 25.88 -23.45
C MET C 98 6.78 25.15 -24.78
N ARG C 99 6.97 23.84 -24.75
CA ARG C 99 6.71 23.00 -25.92
C ARG C 99 5.22 23.02 -26.27
N LEU C 100 4.39 23.00 -25.23
CA LEU C 100 2.94 23.11 -25.42
C LEU C 100 2.56 24.46 -26.00
N LEU C 101 3.20 25.52 -25.51
CA LEU C 101 2.97 26.86 -26.00
C LEU C 101 3.27 26.96 -27.49
N LYS C 102 4.29 26.23 -27.92
CA LYS C 102 4.67 26.19 -29.33
C LYS C 102 3.65 25.42 -30.17
N ASP C 103 3.30 24.22 -29.73
CA ASP C 103 2.38 23.36 -30.47
C ASP C 103 0.95 23.93 -30.53
N LYS C 104 0.62 24.78 -29.55
CA LYS C 104 -0.70 25.42 -29.53
C LYS C 104 -0.65 26.77 -30.23
N GLY C 105 0.51 27.13 -30.76
CA GLY C 105 0.67 28.35 -31.53
C GLY C 105 0.70 29.62 -30.71
N LEU C 106 1.04 29.49 -29.43
CA LEU C 106 1.09 30.64 -28.53
C LEU C 106 2.48 31.25 -28.38
N LEU C 107 3.50 30.42 -28.58
CA LEU C 107 4.88 30.84 -28.33
C LEU C 107 5.47 31.69 -29.45
N LEU C 108 5.71 32.96 -29.16
CA LEU C 108 6.35 33.85 -30.12
C LEU C 108 7.87 33.68 -30.07
N ARG C 109 8.42 33.70 -28.87
CA ARG C 109 9.86 33.55 -28.70
C ARG C 109 10.20 33.14 -27.27
N CYS C 110 11.29 32.38 -27.14
CA CYS C 110 11.82 32.05 -25.81
C CYS C 110 13.22 32.61 -25.63
N TYR C 111 13.34 33.58 -24.72
CA TYR C 111 14.64 34.13 -24.35
C TYR C 111 15.15 33.39 -23.13
N THR C 112 16.34 32.81 -23.24
CA THR C 112 16.91 32.02 -22.16
C THR C 112 18.28 32.50 -21.71
N GLN C 113 18.50 32.46 -20.40
CA GLN C 113 19.81 32.80 -19.83
C GLN C 113 20.69 31.56 -19.82
N ASN C 114 20.05 30.39 -19.86
CA ASN C 114 20.74 29.12 -19.70
C ASN C 114 21.59 28.73 -20.90
N ILE C 115 22.54 27.83 -20.67
CA ILE C 115 23.38 27.31 -21.73
C ILE C 115 23.41 25.78 -21.70
N ASP C 116 22.33 25.19 -21.19
CA ASP C 116 22.21 23.74 -21.12
C ASP C 116 21.55 23.18 -22.38
N THR C 117 21.00 24.07 -23.19
CA THR C 117 20.29 23.73 -24.43
C THR C 117 19.13 22.75 -24.19
N LEU C 118 18.52 22.84 -23.01
CA LEU C 118 17.38 21.98 -22.68
C LEU C 118 16.14 22.38 -23.46
N GLU C 119 16.12 23.63 -23.95
CA GLU C 119 15.01 24.09 -24.78
C GLU C 119 14.97 23.37 -26.12
N ARG C 120 16.13 23.22 -26.74
CA ARG C 120 16.24 22.47 -27.99
C ARG C 120 15.77 21.05 -27.81
N ILE C 121 16.27 20.40 -26.76
CA ILE C 121 15.94 19.00 -26.49
C ILE C 121 14.45 18.84 -26.18
N ALA C 122 13.86 19.84 -25.55
CA ALA C 122 12.45 19.79 -25.19
C ALA C 122 11.55 19.83 -26.42
N GLY C 123 12.10 20.29 -27.54
CA GLY C 123 11.34 20.34 -28.78
C GLY C 123 11.27 21.72 -29.41
N LEU C 124 11.82 22.72 -28.74
CA LEU C 124 11.83 24.07 -29.28
C LEU C 124 12.89 24.21 -30.38
N GLU C 125 12.47 24.77 -31.52
CA GLU C 125 13.36 24.96 -32.66
C GLU C 125 14.19 26.22 -32.49
N GLN C 126 15.20 26.38 -33.33
CA GLN C 126 16.13 27.51 -33.24
C GLN C 126 15.42 28.87 -33.33
N GLU C 127 14.54 29.03 -34.31
CA GLU C 127 13.85 30.30 -34.51
C GLU C 127 12.83 30.63 -33.43
N ASP C 128 12.60 29.69 -32.52
CA ASP C 128 11.77 29.95 -31.34
C ASP C 128 12.65 30.47 -30.21
N LEU C 129 13.96 30.32 -30.39
CA LEU C 129 14.91 30.53 -29.30
C LEU C 129 15.80 31.76 -29.47
N VAL C 130 16.04 32.46 -28.37
CA VAL C 130 17.08 33.47 -28.29
C VAL C 130 18.01 33.10 -27.14
N GLU C 131 19.06 32.36 -27.46
CA GLU C 131 20.03 31.93 -26.47
C GLU C 131 20.97 33.07 -26.14
N ALA C 132 20.56 33.88 -25.16
CA ALA C 132 21.20 35.15 -24.85
C ALA C 132 22.64 35.02 -24.36
N HIS C 133 23.00 33.85 -23.86
CA HIS C 133 24.34 33.66 -23.32
C HIS C 133 25.16 32.64 -24.12
N GLY C 134 24.68 32.32 -25.32
CA GLY C 134 25.44 31.48 -26.23
C GLY C 134 25.20 29.99 -26.10
N THR C 135 26.09 29.20 -26.69
CA THR C 135 25.91 27.76 -26.74
C THR C 135 27.23 26.99 -26.82
N PHE C 136 27.18 25.71 -26.44
CA PHE C 136 28.33 24.82 -26.57
C PHE C 136 28.37 24.17 -27.94
N TYR C 137 27.33 24.41 -28.74
CA TYR C 137 27.21 23.80 -30.06
C TYR C 137 28.34 24.20 -31.00
N THR C 138 28.81 25.42 -30.87
CA THR C 138 29.93 25.90 -31.68
C THR C 138 31.00 26.55 -30.80
N SER C 139 32.25 26.28 -31.12
CA SER C 139 33.38 26.85 -30.38
C SER C 139 34.33 27.56 -31.33
N HIS C 140 35.05 28.55 -30.82
CA HIS C 140 35.98 29.32 -31.64
C HIS C 140 37.33 29.52 -30.96
N CYS C 141 38.37 29.68 -31.77
CA CYS C 141 39.71 29.95 -31.25
C CYS C 141 39.75 31.35 -30.66
N VAL C 142 40.44 31.48 -29.53
CA VAL C 142 40.53 32.76 -28.82
C VAL C 142 41.29 33.82 -29.63
N SER C 143 42.39 33.41 -30.26
CA SER C 143 43.23 34.32 -31.03
C SER C 143 42.46 34.98 -32.17
N ALA C 144 42.67 36.29 -32.35
CA ALA C 144 41.94 37.08 -33.33
C ALA C 144 42.46 36.87 -34.75
N SER C 145 43.67 36.33 -34.88
CA SER C 145 44.28 36.14 -36.18
C SER C 145 43.87 34.84 -36.85
N CYS C 146 43.32 33.91 -36.07
CA CYS C 146 42.97 32.58 -36.55
C CYS C 146 41.47 32.30 -36.50
N ARG C 147 40.92 32.34 -35.29
CA ARG C 147 39.50 32.05 -35.01
C ARG C 147 38.90 30.88 -35.78
N HIS C 148 39.39 29.66 -35.52
CA HIS C 148 38.87 28.46 -36.15
C HIS C 148 37.63 27.94 -35.42
N GLU C 149 36.65 27.46 -36.19
CA GLU C 149 35.40 26.96 -35.62
C GLU C 149 35.46 25.45 -35.43
N TYR C 150 34.90 24.97 -34.32
CA TYR C 150 34.90 23.55 -34.01
C TYR C 150 33.51 23.08 -33.57
N PRO C 151 33.10 21.91 -34.06
CA PRO C 151 31.76 21.35 -33.78
C PRO C 151 31.58 20.95 -32.31
N LEU C 152 30.39 20.52 -31.96
CA LEU C 152 30.06 20.14 -30.60
C LEU C 152 30.85 18.91 -30.15
N SER C 153 31.00 17.94 -31.07
CA SER C 153 31.72 16.71 -30.78
C SER C 153 33.17 16.99 -30.36
N TRP C 154 33.78 17.97 -31.00
CA TRP C 154 35.12 18.44 -30.65
C TRP C 154 35.18 18.82 -29.18
N MET C 155 34.31 19.75 -28.79
CA MET C 155 34.29 20.28 -27.45
C MET C 155 33.79 19.23 -26.45
N LYS C 156 32.98 18.30 -26.95
CA LYS C 156 32.39 17.25 -26.11
C LYS C 156 33.43 16.28 -25.58
N GLU C 157 34.27 15.78 -26.48
CA GLU C 157 35.26 14.76 -26.14
C GLU C 157 36.32 15.28 -25.18
N LYS C 158 36.78 16.50 -25.41
CA LYS C 158 37.85 17.08 -24.61
C LYS C 158 37.42 17.40 -23.17
N ILE C 159 36.15 17.76 -23.00
CA ILE C 159 35.64 18.08 -21.67
C ILE C 159 35.56 16.85 -20.78
N PHE C 160 34.94 15.78 -21.28
CA PHE C 160 34.77 14.56 -20.48
C PHE C 160 36.01 13.69 -20.45
N SER C 161 37.08 14.14 -21.12
CA SER C 161 38.37 13.46 -21.04
C SER C 161 39.34 14.28 -20.20
N GLU C 162 38.84 15.40 -19.66
CA GLU C 162 39.62 16.30 -18.83
C GLU C 162 40.88 16.81 -19.55
N VAL C 163 40.68 17.37 -20.73
CA VAL C 163 41.78 17.93 -21.52
C VAL C 163 41.42 19.33 -22.02
N THR C 164 42.28 20.30 -21.70
CA THR C 164 42.07 21.68 -22.13
C THR C 164 42.18 21.81 -23.64
N PRO C 165 41.09 22.23 -24.29
CA PRO C 165 41.03 22.33 -25.75
C PRO C 165 41.99 23.37 -26.31
N LYS C 166 42.93 22.90 -27.14
CA LYS C 166 43.83 23.80 -27.83
C LYS C 166 43.61 23.69 -29.34
N CYS C 167 43.75 24.82 -30.02
CA CYS C 167 43.58 24.89 -31.46
C CYS C 167 44.58 23.99 -32.18
N GLU C 168 44.18 23.49 -33.35
CA GLU C 168 45.05 22.60 -34.12
C GLU C 168 45.92 23.38 -35.10
N ASP C 169 45.68 24.69 -35.19
CA ASP C 169 46.40 25.56 -36.10
C ASP C 169 47.39 26.48 -35.38
N CYS C 170 46.89 27.56 -34.79
CA CYS C 170 47.75 28.49 -34.07
C CYS C 170 48.08 27.98 -32.66
N GLN C 171 47.53 26.82 -32.33
CA GLN C 171 47.76 26.17 -31.04
C GLN C 171 47.35 27.02 -29.85
N SER C 172 46.26 27.77 -30.00
CA SER C 172 45.77 28.62 -28.92
C SER C 172 44.55 28.01 -28.23
N LEU C 173 44.03 28.69 -27.21
CA LEU C 173 42.89 28.20 -26.46
C LEU C 173 41.63 28.16 -27.30
N VAL C 174 40.85 27.10 -27.17
CA VAL C 174 39.57 26.99 -27.84
C VAL C 174 38.43 27.27 -26.86
N LYS C 175 37.63 28.28 -27.16
CA LYS C 175 36.55 28.69 -26.27
C LYS C 175 35.18 28.49 -26.89
N PRO C 176 34.30 27.75 -26.19
CA PRO C 176 32.92 27.58 -26.64
C PRO C 176 32.23 28.93 -26.73
N ASP C 177 31.29 29.09 -27.66
CA ASP C 177 30.66 30.39 -27.88
C ASP C 177 29.65 30.74 -26.78
N ILE C 178 30.08 30.58 -25.54
CA ILE C 178 29.29 30.98 -24.38
C ILE C 178 29.62 32.44 -24.08
N VAL C 179 28.60 33.24 -23.81
CA VAL C 179 28.82 34.63 -23.45
C VAL C 179 29.20 34.74 -21.99
N PHE C 180 30.50 34.91 -21.72
CA PHE C 180 30.99 35.16 -20.37
C PHE C 180 30.68 36.59 -19.98
N PHE C 181 30.70 36.86 -18.67
CA PHE C 181 30.59 38.23 -18.17
C PHE C 181 31.73 39.06 -18.75
N GLY C 182 31.40 40.19 -19.36
CA GLY C 182 32.39 41.04 -19.98
C GLY C 182 32.47 40.83 -21.48
N GLU C 183 31.55 40.03 -22.02
CA GLU C 183 31.48 39.81 -23.45
C GLU C 183 30.19 40.35 -24.04
N SER C 184 30.14 40.46 -25.36
CA SER C 184 28.95 40.94 -26.04
C SER C 184 27.96 39.82 -26.30
N LEU C 185 26.68 40.10 -26.10
CA LEU C 185 25.63 39.14 -26.42
C LEU C 185 25.53 38.99 -27.93
N PRO C 186 24.99 37.85 -28.40
CA PRO C 186 24.83 37.60 -29.83
C PRO C 186 24.02 38.67 -30.53
N ALA C 187 24.34 38.94 -31.80
CA ALA C 187 23.62 39.94 -32.58
C ALA C 187 22.12 39.65 -32.61
N ARG C 188 21.79 38.37 -32.65
CA ARG C 188 20.40 37.92 -32.70
C ARG C 188 19.57 38.44 -31.52
N PHE C 189 20.21 38.53 -30.35
CA PHE C 189 19.55 39.05 -29.15
C PHE C 189 19.00 40.44 -29.40
N PHE C 190 19.86 41.32 -29.91
CA PHE C 190 19.48 42.71 -30.15
C PHE C 190 18.59 42.84 -31.38
N SER C 191 18.76 41.92 -32.33
CA SER C 191 18.00 41.97 -33.57
C SER C 191 16.55 41.54 -33.37
N CYS C 192 16.35 40.50 -32.57
CA CYS C 192 15.00 40.00 -32.30
C CYS C 192 14.23 40.93 -31.37
N MET C 193 14.92 41.57 -30.43
CA MET C 193 14.26 42.43 -29.46
C MET C 193 13.73 43.72 -30.09
N GLN C 194 14.08 43.96 -31.35
CA GLN C 194 13.62 45.16 -32.05
C GLN C 194 12.12 45.12 -32.34
N SER C 195 11.57 43.92 -32.47
CA SER C 195 10.17 43.77 -32.87
C SER C 195 9.38 42.72 -32.10
N ASP C 196 10.08 41.84 -31.38
CA ASP C 196 9.42 40.74 -30.67
C ASP C 196 8.45 41.20 -29.59
N PHE C 197 8.78 42.32 -28.94
CA PHE C 197 8.01 42.77 -27.78
C PHE C 197 6.95 43.80 -28.13
N LEU C 198 6.93 44.24 -29.39
CA LEU C 198 6.01 45.28 -29.82
C LEU C 198 4.53 44.87 -29.70
N LYS C 199 4.24 43.62 -30.01
CA LYS C 199 2.85 43.16 -29.98
C LYS C 199 2.65 41.89 -29.14
N VAL C 200 3.48 41.72 -28.12
CA VAL C 200 3.36 40.57 -27.23
C VAL C 200 2.22 40.77 -26.22
N ASP C 201 1.46 39.70 -25.96
CA ASP C 201 0.30 39.80 -25.10
C ASP C 201 0.57 39.32 -23.67
N LEU C 202 1.63 38.54 -23.50
CA LEU C 202 1.92 37.97 -22.19
C LEU C 202 3.40 37.65 -22.01
N LEU C 203 3.93 38.01 -20.84
CA LEU C 203 5.31 37.66 -20.48
C LEU C 203 5.35 36.60 -19.39
N LEU C 204 5.93 35.45 -19.71
CA LEU C 204 6.16 34.41 -18.71
C LEU C 204 7.60 34.43 -18.23
N VAL C 205 7.81 35.02 -17.06
CA VAL C 205 9.14 35.09 -16.47
C VAL C 205 9.32 33.94 -15.48
N MET C 206 10.15 32.97 -15.86
CA MET C 206 10.26 31.74 -15.08
C MET C 206 11.71 31.39 -14.71
N GLY C 207 11.94 31.18 -13.41
CA GLY C 207 13.21 30.66 -12.94
C GLY C 207 14.38 31.63 -12.95
N THR C 208 14.07 32.93 -12.93
CA THR C 208 15.12 33.93 -12.86
C THR C 208 14.80 35.00 -11.84
N SER C 209 15.83 35.43 -11.09
CA SER C 209 15.68 36.54 -10.17
C SER C 209 16.12 37.83 -10.86
N LEU C 210 16.31 37.73 -12.18
CA LEU C 210 16.70 38.88 -13.00
C LEU C 210 17.95 39.57 -12.47
N GLN C 211 19.03 38.81 -12.35
CA GLN C 211 20.27 39.33 -11.80
C GLN C 211 21.35 39.52 -12.85
N VAL C 212 21.02 39.24 -14.12
CA VAL C 212 21.97 39.40 -15.21
C VAL C 212 21.47 40.37 -16.28
N GLN C 213 22.27 41.39 -16.57
CA GLN C 213 21.96 42.35 -17.62
C GLN C 213 22.77 42.00 -18.87
N PRO C 214 22.28 42.40 -20.06
CA PRO C 214 21.09 43.19 -20.33
C PRO C 214 19.80 42.36 -20.37
N PHE C 215 19.89 41.08 -19.99
CA PHE C 215 18.72 40.21 -20.01
C PHE C 215 17.57 40.74 -19.16
N ALA C 216 17.90 41.21 -17.96
CA ALA C 216 16.88 41.67 -17.01
C ALA C 216 16.06 42.85 -17.53
N SER C 217 16.64 43.61 -18.46
CA SER C 217 15.96 44.79 -18.98
C SER C 217 14.82 44.43 -19.93
N LEU C 218 14.77 43.18 -20.37
CA LEU C 218 13.78 42.72 -21.33
C LEU C 218 12.34 42.89 -20.85
N ILE C 219 12.13 42.88 -19.54
CA ILE C 219 10.78 42.99 -19.01
C ILE C 219 10.16 44.37 -19.24
N SER C 220 10.99 45.36 -19.56
CA SER C 220 10.50 46.71 -19.80
C SER C 220 10.15 46.91 -21.27
N LYS C 221 10.47 45.92 -22.09
CA LYS C 221 10.21 45.99 -23.53
C LYS C 221 8.75 45.71 -23.85
N ALA C 222 8.06 45.08 -22.90
CA ALA C 222 6.63 44.79 -23.09
C ALA C 222 5.81 46.07 -22.96
N PRO C 223 4.69 46.14 -23.69
CA PRO C 223 3.76 47.27 -23.59
C PRO C 223 3.19 47.38 -22.18
N LEU C 224 2.80 48.59 -21.79
CA LEU C 224 2.33 48.84 -20.43
C LEU C 224 1.12 48.01 -20.03
N SER C 225 0.28 47.67 -21.01
CA SER C 225 -0.94 46.92 -20.75
C SER C 225 -0.71 45.42 -20.68
N THR C 226 0.45 44.97 -21.16
CA THR C 226 0.76 43.56 -21.21
C THR C 226 1.06 42.95 -19.85
N PRO C 227 0.24 41.99 -19.41
CA PRO C 227 0.42 41.31 -18.13
C PRO C 227 1.70 40.50 -18.12
N ARG C 228 2.36 40.44 -16.96
CA ARG C 228 3.61 39.70 -16.82
C ARG C 228 3.56 38.77 -15.61
N LEU C 229 3.74 37.48 -15.85
CA LEU C 229 3.71 36.50 -14.77
C LEU C 229 5.11 36.08 -14.34
N LEU C 230 5.34 36.11 -13.03
CA LEU C 230 6.62 35.69 -12.48
C LEU C 230 6.50 34.35 -11.76
N ILE C 231 7.11 33.31 -12.32
CA ILE C 231 7.19 32.02 -11.66
C ILE C 231 8.61 31.77 -11.20
N ASN C 232 8.89 32.09 -9.94
CA ASN C 232 10.24 31.99 -9.40
C ASN C 232 10.22 31.71 -7.90
N LYS C 233 11.38 31.36 -7.35
CA LYS C 233 11.49 31.03 -5.93
C LYS C 233 11.22 32.26 -5.06
N GLU C 234 11.31 33.44 -5.67
CA GLU C 234 11.17 34.69 -4.93
C GLU C 234 10.74 35.82 -5.86
N LYS C 235 10.26 36.91 -5.26
CA LYS C 235 9.90 38.09 -6.03
C LYS C 235 11.15 38.75 -6.60
N ALA C 236 11.06 39.20 -7.85
CA ALA C 236 12.20 39.82 -8.50
C ALA C 236 11.76 40.78 -9.61
N GLY C 237 12.67 41.65 -10.02
CA GLY C 237 12.43 42.57 -11.11
C GLY C 237 11.67 43.83 -10.72
N GLN C 238 11.49 44.03 -9.41
CA GLN C 238 10.72 45.18 -8.94
C GLN C 238 11.49 46.49 -9.00
N SER C 239 12.77 46.41 -9.34
CA SER C 239 13.61 47.60 -9.42
C SER C 239 13.71 48.14 -10.84
N ASP C 240 14.47 49.21 -11.01
CA ASP C 240 14.68 49.82 -12.33
C ASP C 240 15.36 48.82 -13.28
N PRO C 241 14.68 48.52 -14.40
CA PRO C 241 15.16 47.56 -15.41
C PRO C 241 16.45 47.97 -16.10
N PHE C 242 16.85 49.23 -15.96
CA PHE C 242 18.14 49.72 -16.47
C PHE C 242 18.31 49.53 -17.98
N LEU C 243 17.22 49.70 -18.73
CA LEU C 243 17.27 49.59 -20.18
C LEU C 243 18.21 50.63 -20.77
N GLY C 244 19.12 50.17 -21.64
CA GLY C 244 20.12 51.05 -22.24
C GLY C 244 21.12 51.59 -21.24
N MET C 245 21.16 50.97 -20.06
CA MET C 245 21.92 51.48 -18.93
C MET C 245 21.52 52.93 -18.62
N ILE C 246 20.23 53.19 -18.72
CA ILE C 246 19.65 54.50 -18.41
C ILE C 246 18.54 54.29 -17.40
N MET C 247 18.52 55.13 -16.36
CA MET C 247 17.52 55.01 -15.31
C MET C 247 16.30 55.90 -15.55
N GLY C 248 15.14 55.47 -15.07
CA GLY C 248 13.94 56.27 -15.13
C GLY C 248 13.03 56.03 -16.32
N LEU C 249 13.31 54.99 -17.10
CA LEU C 249 12.50 54.68 -18.28
C LEU C 249 11.30 53.80 -17.95
N GLY C 250 11.22 53.35 -16.71
CA GLY C 250 10.10 52.55 -16.25
C GLY C 250 10.17 51.09 -16.65
N GLY C 251 9.19 50.31 -16.20
CA GLY C 251 9.10 48.92 -16.59
C GLY C 251 9.23 47.93 -15.43
N GLY C 252 9.59 48.44 -14.26
CA GLY C 252 9.79 47.59 -13.10
C GLY C 252 8.57 46.79 -12.72
N MET C 253 8.78 45.57 -12.26
CA MET C 253 7.69 44.72 -11.77
C MET C 253 6.98 45.37 -10.60
N ASP C 254 5.65 45.41 -10.66
CA ASP C 254 4.86 45.98 -9.57
C ASP C 254 3.82 44.99 -9.09
N PHE C 255 4.08 44.36 -7.95
CA PHE C 255 3.21 43.32 -7.43
C PHE C 255 2.30 43.78 -6.30
N ASP C 256 2.84 44.58 -5.38
CA ASP C 256 2.20 44.84 -4.10
C ASP C 256 1.75 46.28 -3.87
N SER C 257 2.18 47.19 -4.74
CA SER C 257 1.82 48.59 -4.59
C SER C 257 0.33 48.83 -4.80
N LYS C 258 -0.12 50.03 -4.45
CA LYS C 258 -1.51 50.42 -4.63
C LYS C 258 -1.83 50.60 -6.12
N LYS C 259 -0.78 50.71 -6.93
CA LYS C 259 -0.94 50.94 -8.36
C LYS C 259 -0.77 49.66 -9.18
N ALA C 260 -0.53 48.54 -8.50
CA ALA C 260 -0.35 47.26 -9.17
C ALA C 260 -1.60 46.90 -10.00
N TYR C 261 -1.38 46.50 -11.25
CA TYR C 261 -2.50 46.29 -12.16
C TYR C 261 -2.30 45.14 -13.16
N ARG C 262 -1.06 44.69 -13.33
CA ARG C 262 -0.77 43.73 -14.39
C ARG C 262 0.26 42.66 -14.02
N ASP C 263 1.01 42.89 -12.96
CA ASP C 263 2.08 41.97 -12.59
C ASP C 263 1.66 40.98 -11.52
N VAL C 264 1.95 39.70 -11.76
CA VAL C 264 1.59 38.63 -10.83
C VAL C 264 2.80 37.78 -10.48
N ALA C 265 3.03 37.56 -9.18
CA ALA C 265 4.14 36.74 -8.73
C ALA C 265 3.64 35.43 -8.13
N TRP C 266 4.19 34.33 -8.62
CA TRP C 266 3.90 33.01 -8.07
C TRP C 266 5.20 32.42 -7.50
N LEU C 267 5.19 32.12 -6.21
CA LEU C 267 6.43 31.74 -5.53
C LEU C 267 6.56 30.24 -5.31
N GLY C 268 7.61 29.66 -5.88
CA GLY C 268 7.87 28.24 -5.76
C GLY C 268 8.69 27.70 -6.91
N GLU C 269 8.77 26.37 -7.01
CA GLU C 269 9.50 25.72 -8.10
C GLU C 269 8.79 25.92 -9.44
N CYS C 270 9.57 25.94 -10.52
CA CYS C 270 9.02 26.18 -11.85
C CYS C 270 8.12 25.04 -12.32
N ASP C 271 8.49 23.82 -11.97
CA ASP C 271 7.72 22.65 -12.39
C ASP C 271 6.33 22.67 -11.77
N GLN C 272 6.26 22.95 -10.47
CA GLN C 272 4.99 22.99 -9.76
C GLN C 272 4.15 24.15 -10.27
N GLY C 273 4.81 25.27 -10.54
CA GLY C 273 4.15 26.46 -11.03
C GLY C 273 3.46 26.27 -12.36
N CYS C 274 4.16 25.62 -13.29
CA CYS C 274 3.61 25.36 -14.60
C CYS C 274 2.46 24.36 -14.55
N LEU C 275 2.59 23.36 -13.67
CA LEU C 275 1.53 22.36 -13.48
C LEU C 275 0.24 23.02 -12.99
N ALA C 276 0.38 23.96 -12.05
CA ALA C 276 -0.75 24.69 -11.50
C ALA C 276 -1.45 25.51 -12.59
N LEU C 277 -0.64 26.16 -13.42
CA LEU C 277 -1.16 26.95 -14.53
C LEU C 277 -1.77 26.04 -15.60
N ALA C 278 -1.13 24.90 -15.83
CA ALA C 278 -1.61 23.96 -16.85
C ALA C 278 -2.97 23.39 -16.50
N GLU C 279 -3.22 23.18 -15.21
CA GLU C 279 -4.50 22.63 -14.77
C GLU C 279 -5.62 23.65 -14.94
N LEU C 280 -5.32 24.91 -14.65
CA LEU C 280 -6.28 26.00 -14.84
C LEU C 280 -6.67 26.13 -16.30
N LEU C 281 -5.71 25.85 -17.18
CA LEU C 281 -5.95 25.91 -18.62
C LEU C 281 -6.45 24.58 -19.14
N GLY C 282 -6.36 23.54 -18.31
CA GLY C 282 -6.78 22.21 -18.70
C GLY C 282 -5.74 21.50 -19.54
N TRP C 283 -4.47 21.78 -19.26
CA TRP C 283 -3.37 21.22 -20.04
C TRP C 283 -2.57 20.18 -19.25
N LYS C 284 -2.82 20.10 -17.94
CA LYS C 284 -2.02 19.28 -17.03
C LYS C 284 -1.88 17.83 -17.48
N LYS C 285 -2.97 17.28 -18.00
CA LYS C 285 -3.00 15.88 -18.44
C LYS C 285 -2.10 15.70 -19.66
N GLU C 286 -2.21 16.62 -20.61
CA GLU C 286 -1.42 16.57 -21.83
C GLU C 286 0.06 16.82 -21.55
N LEU C 287 0.33 17.71 -20.60
CA LEU C 287 1.69 18.08 -20.24
C LEU C 287 2.44 16.91 -19.62
N GLU C 288 1.82 16.29 -18.62
CA GLU C 288 2.42 15.13 -17.95
C GLU C 288 2.59 13.97 -18.92
N ASP C 289 1.68 13.85 -19.88
CA ASP C 289 1.77 12.81 -20.89
C ASP C 289 2.93 13.10 -21.84
N LEU C 290 3.17 14.38 -22.09
CA LEU C 290 4.26 14.80 -22.97
C LEU C 290 5.61 14.53 -22.31
N VAL C 291 5.75 14.93 -21.06
CA VAL C 291 6.98 14.73 -20.31
C VAL C 291 7.32 13.24 -20.21
N ARG C 292 6.32 12.44 -19.85
CA ARG C 292 6.47 11.00 -19.72
C ARG C 292 6.91 10.37 -21.04
N ARG C 293 6.25 10.76 -22.12
CA ARG C 293 6.55 10.22 -23.45
C ARG C 293 7.92 10.65 -23.95
N GLU C 294 8.29 11.91 -23.69
CA GLU C 294 9.55 12.45 -24.18
C GLU C 294 10.77 11.87 -23.45
N HIS C 295 10.66 11.71 -22.14
CA HIS C 295 11.73 11.09 -21.36
C HIS C 295 11.97 9.66 -21.83
N ALA C 296 10.90 8.97 -22.20
CA ALA C 296 10.97 7.60 -22.69
C ALA C 296 11.77 7.53 -23.98
N SER C 297 11.56 8.50 -24.86
CA SER C 297 12.26 8.57 -26.13
C SER C 297 13.75 8.84 -25.93
N ILE C 298 14.07 9.58 -24.88
CA ILE C 298 15.46 9.90 -24.57
C ILE C 298 16.22 8.67 -24.07
N ASP C 299 15.62 7.95 -23.13
CA ASP C 299 16.23 6.74 -22.59
C ASP C 299 16.36 5.65 -23.65
N ALA C 300 15.55 5.74 -24.70
CA ALA C 300 15.64 4.82 -25.82
C ALA C 300 16.84 5.17 -26.70
N GLN C 301 17.23 6.44 -26.69
CA GLN C 301 18.38 6.89 -27.46
C GLN C 301 19.68 6.60 -26.75
N SER C 302 19.62 6.52 -25.41
CA SER C 302 20.80 6.26 -24.60
C SER C 302 21.35 4.86 -24.84
N ARG D 3 -13.56 10.00 -17.04
CA ARG D 3 -12.49 9.02 -17.10
C ARG D 3 -11.32 9.41 -16.19
N LEU D 4 -11.18 8.68 -15.08
CA LEU D 4 -10.18 8.99 -14.07
C LEU D 4 -8.83 8.36 -14.38
N LEU D 5 -8.85 7.22 -15.06
CA LEU D 5 -7.63 6.50 -15.41
C LEU D 5 -7.06 7.00 -16.73
N ASP D 6 -5.88 7.62 -16.66
CA ASP D 6 -5.24 8.18 -17.85
C ASP D 6 -4.54 7.11 -18.69
N GLU D 7 -4.45 5.90 -18.14
CA GLU D 7 -3.86 4.76 -18.83
C GLU D 7 -4.43 3.49 -18.21
N LEU D 8 -4.85 2.56 -19.06
CA LEU D 8 -5.39 1.28 -18.60
C LEU D 8 -4.30 0.21 -18.39
N THR D 9 -3.33 0.53 -17.54
CA THR D 9 -2.27 -0.39 -17.16
C THR D 9 -2.05 -0.33 -15.66
N LEU D 10 -1.12 -1.12 -15.14
CA LEU D 10 -0.79 -1.08 -13.72
C LEU D 10 -0.21 0.27 -13.32
N GLU D 11 0.50 0.89 -14.24
CA GLU D 11 1.10 2.20 -14.01
C GLU D 11 0.01 3.27 -13.93
N GLY D 12 -1.02 3.11 -14.74
CA GLY D 12 -2.13 4.03 -14.74
C GLY D 12 -2.90 4.01 -13.43
N VAL D 13 -2.94 2.85 -12.80
CA VAL D 13 -3.62 2.68 -11.52
C VAL D 13 -2.77 3.26 -10.38
N ALA D 14 -1.47 3.00 -10.44
CA ALA D 14 -0.54 3.51 -9.43
C ALA D 14 -0.56 5.03 -9.37
N ARG D 15 -0.59 5.66 -10.54
CA ARG D 15 -0.66 7.11 -10.62
C ARG D 15 -2.01 7.62 -10.11
N TYR D 16 -3.04 6.78 -10.20
CA TYR D 16 -4.35 7.14 -9.70
C TYR D 16 -4.41 7.06 -8.19
N MET D 17 -3.70 6.08 -7.61
CA MET D 17 -3.65 5.94 -6.16
C MET D 17 -2.92 7.13 -5.53
N GLN D 18 -1.98 7.68 -6.28
CA GLN D 18 -1.21 8.84 -5.82
C GLN D 18 -2.00 10.13 -5.99
N SER D 19 -3.06 10.06 -6.77
CA SER D 19 -3.93 11.22 -6.99
C SER D 19 -4.69 11.59 -5.74
N GLU D 20 -5.40 12.72 -5.78
CA GLU D 20 -6.15 13.19 -4.62
C GLU D 20 -7.53 12.53 -4.50
N ARG D 21 -8.14 12.23 -5.63
CA ARG D 21 -9.47 11.63 -5.65
C ARG D 21 -9.48 10.26 -4.96
N CYS D 22 -8.43 9.49 -5.20
CA CYS D 22 -8.33 8.15 -4.62
C CYS D 22 -8.02 8.21 -3.14
N ARG D 23 -9.06 8.20 -2.31
CA ARG D 23 -8.92 8.24 -0.87
C ARG D 23 -9.57 7.03 -0.21
N ARG D 24 -10.43 6.35 -0.95
CA ARG D 24 -11.16 5.19 -0.42
C ARG D 24 -10.97 3.95 -1.29
N VAL D 25 -10.31 2.94 -0.73
CA VAL D 25 -10.03 1.70 -1.45
C VAL D 25 -10.75 0.51 -0.82
N ILE D 26 -11.39 -0.30 -1.66
CA ILE D 26 -12.05 -1.52 -1.19
C ILE D 26 -11.43 -2.74 -1.85
N CYS D 27 -11.07 -3.73 -1.02
CA CYS D 27 -10.48 -4.97 -1.52
C CYS D 27 -11.49 -6.11 -1.58
N LEU D 28 -11.49 -6.83 -2.70
CA LEU D 28 -12.26 -8.05 -2.84
C LEU D 28 -11.29 -9.19 -3.10
N VAL D 29 -11.04 -10.01 -2.08
CA VAL D 29 -10.00 -11.03 -2.18
C VAL D 29 -10.53 -12.47 -2.14
N GLY D 30 -9.77 -13.37 -2.75
CA GLY D 30 -10.14 -14.78 -2.82
C GLY D 30 -9.00 -15.71 -2.46
N ALA D 31 -9.12 -16.97 -2.87
CA ALA D 31 -8.16 -18.01 -2.49
C ALA D 31 -6.78 -17.83 -3.12
N GLY D 32 -6.69 -16.98 -4.13
CA GLY D 32 -5.44 -16.75 -4.82
C GLY D 32 -4.41 -16.03 -3.99
N ILE D 33 -4.87 -15.35 -2.94
CA ILE D 33 -3.96 -14.57 -2.11
C ILE D 33 -3.39 -15.37 -0.95
N SER D 34 -3.75 -16.65 -0.88
CA SER D 34 -3.26 -17.52 0.20
C SER D 34 -2.48 -18.72 -0.35
N THR D 35 -2.40 -18.81 -1.68
CA THR D 35 -1.72 -19.93 -2.32
C THR D 35 -0.24 -19.99 -1.95
N SER D 36 0.40 -18.82 -1.84
CA SER D 36 1.82 -18.75 -1.51
C SER D 36 2.07 -18.92 -0.01
N ALA D 37 1.00 -19.23 0.73
CA ALA D 37 1.11 -19.43 2.17
C ALA D 37 1.00 -20.90 2.53
N GLY D 38 0.79 -21.75 1.52
CA GLY D 38 0.69 -23.17 1.73
C GLY D 38 -0.75 -23.67 1.75
N ILE D 39 -1.66 -22.83 1.26
CA ILE D 39 -3.06 -23.19 1.19
C ILE D 39 -3.54 -23.25 -0.25
N PRO D 40 -3.91 -24.45 -0.72
CA PRO D 40 -4.38 -24.66 -2.10
C PRO D 40 -5.68 -23.94 -2.40
N ASP D 41 -6.06 -23.86 -3.67
CA ASP D 41 -7.23 -23.11 -4.09
C ASP D 41 -8.54 -23.86 -3.85
N PHE D 42 -8.44 -25.19 -3.75
CA PHE D 42 -9.60 -26.06 -3.59
C PHE D 42 -10.61 -25.92 -4.73
N ARG D 43 -10.11 -25.52 -5.90
CA ARG D 43 -10.93 -25.41 -7.10
C ARG D 43 -10.10 -25.59 -8.36
N SER D 44 -10.56 -26.46 -9.26
CA SER D 44 -9.86 -26.78 -10.50
C SER D 44 -8.45 -27.30 -10.25
N ASN D 52 -6.53 -35.73 -5.17
CA ASN D 52 -6.24 -35.52 -3.75
C ASN D 52 -7.44 -35.73 -2.85
N LEU D 53 -8.64 -35.60 -3.43
CA LEU D 53 -9.87 -35.74 -2.66
C LEU D 53 -10.49 -37.12 -2.86
N GLU D 54 -9.72 -38.04 -3.43
CA GLU D 54 -10.21 -39.38 -3.73
C GLU D 54 -10.25 -40.29 -2.51
N LYS D 55 -9.58 -39.89 -1.44
CA LYS D 55 -9.54 -40.70 -0.23
C LYS D 55 -10.85 -40.58 0.54
N TYR D 56 -11.58 -39.48 0.29
CA TYR D 56 -12.82 -39.19 1.01
C TYR D 56 -14.00 -39.96 0.44
N HIS D 57 -13.86 -40.42 -0.80
CA HIS D 57 -14.93 -41.09 -1.53
C HIS D 57 -16.17 -40.19 -1.64
N LEU D 58 -15.96 -38.98 -2.12
CA LEU D 58 -17.06 -38.04 -2.34
C LEU D 58 -17.76 -38.38 -3.65
N PRO D 59 -19.09 -38.20 -3.69
CA PRO D 59 -19.84 -38.39 -4.93
C PRO D 59 -19.39 -37.40 -6.00
N TYR D 60 -19.00 -36.21 -5.55
CA TYR D 60 -18.42 -35.19 -6.41
C TYR D 60 -17.65 -34.21 -5.53
N PRO D 61 -16.49 -33.72 -6.01
CA PRO D 61 -15.58 -32.87 -5.23
C PRO D 61 -16.25 -31.63 -4.61
N GLU D 62 -17.26 -31.09 -5.28
CA GLU D 62 -17.95 -29.90 -4.79
C GLU D 62 -18.76 -30.16 -3.51
N ALA D 63 -19.04 -31.42 -3.24
CA ALA D 63 -19.90 -31.80 -2.10
C ALA D 63 -19.25 -31.48 -0.75
N ILE D 64 -17.94 -31.35 -0.72
CA ILE D 64 -17.23 -31.12 0.54
C ILE D 64 -17.52 -29.74 1.12
N PHE D 65 -18.00 -28.82 0.29
CA PHE D 65 -18.37 -27.49 0.75
C PHE D 65 -19.87 -27.24 0.67
N GLU D 66 -20.64 -28.33 0.65
CA GLU D 66 -22.11 -28.23 0.60
C GLU D 66 -22.75 -28.64 1.92
N ILE D 67 -23.73 -27.84 2.36
CA ILE D 67 -24.34 -28.04 3.66
C ILE D 67 -25.07 -29.37 3.80
N SER D 68 -25.78 -29.78 2.76
CA SER D 68 -26.57 -31.00 2.81
C SER D 68 -25.69 -32.23 2.96
N TYR D 69 -24.60 -32.27 2.19
CA TYR D 69 -23.67 -33.39 2.28
C TYR D 69 -22.90 -33.37 3.59
N PHE D 70 -22.58 -32.17 4.08
CA PHE D 70 -21.84 -32.02 5.32
C PHE D 70 -22.60 -32.58 6.52
N LYS D 71 -23.89 -32.27 6.60
CA LYS D 71 -24.72 -32.67 7.74
C LYS D 71 -24.84 -34.19 7.85
N LYS D 72 -24.59 -34.90 6.77
CA LYS D 72 -24.68 -36.35 6.78
C LYS D 72 -23.29 -37.00 6.76
N HIS D 73 -22.33 -36.29 6.17
CA HIS D 73 -20.95 -36.78 6.11
C HIS D 73 -19.95 -35.66 6.37
N PRO D 74 -19.74 -35.32 7.65
CA PRO D 74 -18.85 -34.22 8.02
C PRO D 74 -17.37 -34.59 8.02
N GLU D 75 -17.07 -35.89 7.99
CA GLU D 75 -15.69 -36.36 8.04
C GLU D 75 -14.73 -35.78 6.97
N PRO D 76 -15.14 -35.76 5.69
CA PRO D 76 -14.21 -35.24 4.69
C PRO D 76 -13.88 -33.75 4.86
N PHE D 77 -14.85 -32.96 5.31
CA PHE D 77 -14.61 -31.53 5.51
C PHE D 77 -13.63 -31.27 6.63
N PHE D 78 -13.84 -31.94 7.77
CA PHE D 78 -13.01 -31.76 8.94
C PHE D 78 -11.58 -32.25 8.71
N ALA D 79 -11.42 -33.14 7.73
CA ALA D 79 -10.10 -33.61 7.36
C ALA D 79 -9.39 -32.56 6.51
N LEU D 80 -10.17 -31.89 5.66
CA LEU D 80 -9.64 -30.83 4.81
C LEU D 80 -9.33 -29.58 5.64
N ALA D 81 -10.00 -29.47 6.79
CA ALA D 81 -9.85 -28.31 7.67
C ALA D 81 -8.42 -28.13 8.16
N LYS D 82 -7.69 -29.23 8.27
CA LYS D 82 -6.30 -29.21 8.76
C LYS D 82 -5.37 -28.43 7.83
N GLU D 83 -5.78 -28.28 6.57
CA GLU D 83 -4.93 -27.67 5.56
C GLU D 83 -5.19 -26.18 5.35
N LEU D 84 -6.03 -25.60 6.19
CA LEU D 84 -6.32 -24.16 6.10
C LEU D 84 -6.66 -23.53 7.44
N TYR D 85 -6.55 -24.31 8.52
CA TYR D 85 -6.97 -23.86 9.83
C TYR D 85 -6.13 -22.69 10.35
N PRO D 86 -6.80 -21.68 10.92
CA PRO D 86 -6.12 -20.50 11.49
C PRO D 86 -5.17 -20.87 12.61
N GLY D 87 -3.92 -20.42 12.52
CA GLY D 87 -2.91 -20.74 13.51
C GLY D 87 -1.96 -21.80 13.02
N GLN D 88 -1.89 -21.96 11.69
CA GLN D 88 -1.01 -22.95 11.08
C GLN D 88 -0.23 -22.33 9.92
N PHE D 89 -0.67 -21.15 9.48
CA PHE D 89 -0.07 -20.50 8.33
C PHE D 89 0.22 -19.02 8.60
N LYS D 90 1.05 -18.43 7.76
CA LYS D 90 1.38 -17.01 7.88
C LYS D 90 0.86 -16.23 6.68
N PRO D 91 0.39 -14.99 6.91
CA PRO D 91 -0.12 -14.12 5.85
C PRO D 91 0.92 -13.90 4.75
N THR D 92 0.45 -13.52 3.57
CA THR D 92 1.34 -13.34 2.43
C THR D 92 1.65 -11.87 2.19
N ILE D 93 2.43 -11.62 1.13
CA ILE D 93 2.76 -10.26 0.72
C ILE D 93 1.49 -9.49 0.37
N CYS D 94 0.53 -10.20 -0.22
CA CYS D 94 -0.75 -9.60 -0.57
C CYS D 94 -1.54 -9.20 0.67
N HIS D 95 -1.47 -10.02 1.71
CA HIS D 95 -2.12 -9.72 2.98
C HIS D 95 -1.50 -8.49 3.64
N TYR D 96 -0.17 -8.42 3.62
CA TYR D 96 0.52 -7.29 4.22
C TYR D 96 0.47 -6.04 3.36
N PHE D 97 0.21 -6.22 2.07
CA PHE D 97 -0.01 -5.07 1.19
C PHE D 97 -1.33 -4.41 1.57
N MET D 98 -2.29 -5.25 1.94
CA MET D 98 -3.59 -4.78 2.41
C MET D 98 -3.41 -4.07 3.74
N ARG D 99 -2.48 -4.58 4.56
CA ARG D 99 -2.13 -3.98 5.83
C ARG D 99 -1.58 -2.57 5.63
N LEU D 100 -0.83 -2.38 4.55
CA LEU D 100 -0.25 -1.06 4.23
C LEU D 100 -1.33 -0.03 3.95
N LEU D 101 -2.34 -0.42 3.17
CA LEU D 101 -3.45 0.47 2.86
C LEU D 101 -4.18 0.87 4.15
N LYS D 102 -4.30 -0.09 5.07
CA LYS D 102 -4.94 0.15 6.36
C LYS D 102 -4.20 1.20 7.18
N ASP D 103 -2.88 1.05 7.25
CA ASP D 103 -2.05 1.94 8.06
C ASP D 103 -1.79 3.29 7.39
N LYS D 104 -1.98 3.34 6.07
CA LYS D 104 -1.84 4.59 5.33
C LYS D 104 -3.18 5.28 5.15
N GLY D 105 -4.22 4.70 5.76
CA GLY D 105 -5.55 5.30 5.74
C GLY D 105 -6.20 5.32 4.38
N LEU D 106 -6.18 4.19 3.68
CA LEU D 106 -6.78 4.09 2.36
C LEU D 106 -7.78 2.94 2.29
N LEU D 107 -7.67 2.01 3.24
CA LEU D 107 -8.53 0.83 3.25
C LEU D 107 -9.88 1.12 3.89
N LEU D 108 -10.91 1.19 3.06
CA LEU D 108 -12.29 1.35 3.56
C LEU D 108 -12.80 0.02 4.10
N ARG D 109 -12.67 -1.03 3.29
CA ARG D 109 -13.14 -2.35 3.69
C ARG D 109 -12.49 -3.45 2.85
N CYS D 110 -12.27 -4.60 3.50
CA CYS D 110 -11.81 -5.78 2.78
C CYS D 110 -12.82 -6.92 2.87
N TYR D 111 -13.48 -7.19 1.75
CA TYR D 111 -14.39 -8.34 1.65
C TYR D 111 -13.59 -9.56 1.26
N THR D 112 -13.67 -10.61 2.07
CA THR D 112 -12.90 -11.83 1.80
C THR D 112 -13.79 -13.06 1.63
N GLN D 113 -13.40 -13.92 0.67
CA GLN D 113 -14.10 -15.18 0.45
C GLN D 113 -13.49 -16.28 1.30
N ASN D 114 -12.21 -16.09 1.66
CA ASN D 114 -11.46 -17.13 2.36
C ASN D 114 -11.89 -17.31 3.80
N ILE D 115 -11.49 -18.43 4.40
CA ILE D 115 -11.83 -18.73 5.78
C ILE D 115 -10.59 -19.11 6.58
N ASP D 116 -9.44 -18.61 6.15
CA ASP D 116 -8.17 -18.91 6.82
C ASP D 116 -7.80 -17.83 7.85
N THR D 117 -8.57 -16.74 7.86
CA THR D 117 -8.38 -15.64 8.80
C THR D 117 -6.99 -15.00 8.70
N LEU D 118 -6.36 -15.12 7.55
CA LEU D 118 -5.03 -14.55 7.33
C LEU D 118 -5.09 -13.02 7.31
N GLU D 119 -6.28 -12.47 7.04
CA GLU D 119 -6.46 -11.02 7.06
C GLU D 119 -6.32 -10.48 8.48
N ARG D 120 -6.90 -11.19 9.45
CA ARG D 120 -6.81 -10.78 10.84
C ARG D 120 -5.38 -10.80 11.34
N ILE D 121 -4.66 -11.87 11.00
CA ILE D 121 -3.28 -12.06 11.43
C ILE D 121 -2.36 -10.99 10.84
N ALA D 122 -2.69 -10.54 9.63
CA ALA D 122 -1.89 -9.52 8.94
C ALA D 122 -2.06 -8.14 9.58
N GLY D 123 -3.00 -8.02 10.52
CA GLY D 123 -3.20 -6.77 11.23
C GLY D 123 -4.54 -6.12 10.96
N LEU D 124 -5.28 -6.65 9.99
CA LEU D 124 -6.60 -6.12 9.69
C LEU D 124 -7.56 -6.41 10.84
N GLU D 125 -8.24 -5.38 11.32
CA GLU D 125 -9.13 -5.50 12.46
C GLU D 125 -10.54 -5.90 12.04
N GLN D 126 -11.39 -6.18 13.02
CA GLN D 126 -12.75 -6.65 12.76
C GLN D 126 -13.57 -5.71 11.89
N GLU D 127 -13.51 -4.41 12.17
CA GLU D 127 -14.30 -3.44 11.45
C GLU D 127 -13.79 -3.16 10.03
N ASP D 128 -12.56 -3.61 9.76
CA ASP D 128 -11.99 -3.46 8.43
C ASP D 128 -12.41 -4.63 7.53
N LEU D 129 -12.90 -5.68 8.16
CA LEU D 129 -13.16 -6.94 7.46
C LEU D 129 -14.64 -7.25 7.25
N VAL D 130 -14.94 -7.81 6.09
CA VAL D 130 -16.20 -8.49 5.87
C VAL D 130 -15.90 -9.93 5.45
N GLU D 131 -15.98 -10.84 6.41
CA GLU D 131 -15.71 -12.26 6.16
C GLU D 131 -16.96 -12.91 5.59
N ALA D 132 -17.11 -12.85 4.27
CA ALA D 132 -18.33 -13.23 3.58
C ALA D 132 -18.76 -14.68 3.81
N HIS D 133 -17.80 -15.57 4.01
CA HIS D 133 -18.12 -16.99 4.13
C HIS D 133 -17.89 -17.52 5.55
N GLY D 134 -17.87 -16.62 6.53
CA GLY D 134 -17.76 -17.02 7.92
C GLY D 134 -16.34 -17.32 8.38
N THR D 135 -16.24 -17.86 9.59
CA THR D 135 -14.94 -18.11 10.22
C THR D 135 -14.99 -19.33 11.12
N PHE D 136 -13.82 -19.77 11.58
CA PHE D 136 -13.72 -20.90 12.49
C PHE D 136 -13.68 -20.43 13.95
N TYR D 137 -13.58 -19.13 14.15
CA TYR D 137 -13.46 -18.55 15.50
C TYR D 137 -14.64 -18.90 16.41
N THR D 138 -15.81 -19.09 15.81
CA THR D 138 -16.98 -19.53 16.57
C THR D 138 -17.62 -20.74 15.90
N SER D 139 -18.13 -21.66 16.72
CA SER D 139 -18.82 -22.83 16.21
C SER D 139 -20.14 -23.01 16.95
N HIS D 140 -21.12 -23.62 16.30
CA HIS D 140 -22.43 -23.81 16.89
C HIS D 140 -22.98 -25.22 16.68
N CYS D 141 -23.89 -25.61 17.57
CA CYS D 141 -24.58 -26.89 17.45
C CYS D 141 -25.60 -26.81 16.32
N VAL D 142 -25.76 -27.90 15.58
CA VAL D 142 -26.68 -27.94 14.45
C VAL D 142 -28.14 -27.98 14.93
N SER D 143 -28.37 -28.62 16.07
CA SER D 143 -29.70 -28.72 16.65
C SER D 143 -30.29 -27.35 16.96
N ALA D 144 -31.53 -27.14 16.53
CA ALA D 144 -32.19 -25.84 16.69
C ALA D 144 -32.57 -25.56 18.14
N SER D 145 -32.82 -26.63 18.90
CA SER D 145 -33.21 -26.48 20.30
C SER D 145 -31.99 -26.28 21.20
N CYS D 146 -30.81 -26.50 20.63
CA CYS D 146 -29.57 -26.39 21.40
C CYS D 146 -28.79 -25.12 21.02
N ARG D 147 -28.15 -25.16 19.85
CA ARG D 147 -27.33 -24.04 19.37
C ARG D 147 -26.25 -23.62 20.36
N HIS D 148 -25.60 -24.60 20.98
CA HIS D 148 -24.53 -24.32 21.93
C HIS D 148 -23.28 -23.84 21.19
N GLU D 149 -22.60 -22.85 21.77
CA GLU D 149 -21.44 -22.25 21.12
C GLU D 149 -20.12 -22.86 21.59
N TYR D 150 -19.17 -23.01 20.67
CA TYR D 150 -17.85 -23.52 21.00
C TYR D 150 -16.75 -22.66 20.38
N PRO D 151 -15.68 -22.40 21.15
CA PRO D 151 -14.61 -21.49 20.74
C PRO D 151 -13.65 -22.10 19.71
N LEU D 152 -12.73 -21.28 19.22
CA LEU D 152 -11.77 -21.71 18.20
C LEU D 152 -10.84 -22.80 18.72
N SER D 153 -10.48 -22.71 20.00
CA SER D 153 -9.57 -23.68 20.61
C SER D 153 -10.20 -25.07 20.69
N TRP D 154 -11.48 -25.12 21.05
CA TRP D 154 -12.20 -26.39 21.15
C TRP D 154 -12.35 -27.01 19.77
N MET D 155 -12.60 -26.17 18.77
CA MET D 155 -12.74 -26.61 17.40
C MET D 155 -11.40 -27.12 16.86
N LYS D 156 -10.32 -26.45 17.25
CA LYS D 156 -8.99 -26.83 16.82
C LYS D 156 -8.60 -28.20 17.37
N GLU D 157 -9.03 -28.48 18.60
CA GLU D 157 -8.70 -29.74 19.26
C GLU D 157 -9.39 -30.91 18.57
N LYS D 158 -10.69 -30.77 18.36
CA LYS D 158 -11.50 -31.83 17.74
C LYS D 158 -11.04 -32.16 16.33
N ILE D 159 -10.52 -31.16 15.62
CA ILE D 159 -10.07 -31.35 14.25
C ILE D 159 -8.74 -32.10 14.17
N PHE D 160 -7.75 -31.63 14.92
CA PHE D 160 -6.41 -32.22 14.86
C PHE D 160 -6.30 -33.54 15.61
N SER D 161 -7.27 -33.82 16.48
CA SER D 161 -7.32 -35.11 17.15
C SER D 161 -8.12 -36.10 16.31
N GLU D 162 -8.61 -35.63 15.18
CA GLU D 162 -9.39 -36.44 14.23
C GLU D 162 -10.62 -37.07 14.86
N VAL D 163 -11.39 -36.27 15.58
CA VAL D 163 -12.62 -36.72 16.21
C VAL D 163 -13.79 -35.83 15.80
N THR D 164 -14.88 -36.44 15.36
CA THR D 164 -16.05 -35.70 14.92
C THR D 164 -16.65 -34.86 16.05
N PRO D 165 -16.67 -33.53 15.86
CA PRO D 165 -17.15 -32.54 16.82
C PRO D 165 -18.56 -32.81 17.29
N LYS D 166 -18.71 -33.56 18.37
CA LYS D 166 -20.03 -33.84 18.93
C LYS D 166 -20.31 -32.87 20.08
N CYS D 167 -21.54 -32.36 20.13
CA CYS D 167 -21.93 -31.44 21.17
C CYS D 167 -21.94 -32.12 22.54
N GLU D 168 -21.48 -31.41 23.55
CA GLU D 168 -21.38 -31.96 24.90
C GLU D 168 -22.72 -31.84 25.64
N ASP D 169 -23.76 -31.47 24.90
CA ASP D 169 -25.10 -31.35 25.47
C ASP D 169 -26.05 -32.38 24.86
N CYS D 170 -26.48 -32.14 23.62
CA CYS D 170 -27.44 -33.00 22.96
C CYS D 170 -26.77 -33.99 21.99
N GLN D 171 -25.44 -34.02 22.02
CA GLN D 171 -24.65 -34.97 21.25
C GLN D 171 -24.84 -34.86 19.73
N SER D 172 -25.32 -33.71 19.28
CA SER D 172 -25.48 -33.47 17.85
C SER D 172 -24.18 -32.98 17.22
N LEU D 173 -24.18 -32.83 15.91
CA LEU D 173 -22.99 -32.37 15.19
C LEU D 173 -22.71 -30.90 15.46
N VAL D 174 -21.44 -30.56 15.70
CA VAL D 174 -21.03 -29.18 15.90
C VAL D 174 -20.37 -28.62 14.65
N LYS D 175 -21.03 -27.64 14.05
CA LYS D 175 -20.56 -27.06 12.79
C LYS D 175 -20.00 -25.66 12.99
N PRO D 176 -18.76 -25.44 12.53
CA PRO D 176 -18.10 -24.13 12.61
C PRO D 176 -18.88 -23.10 11.81
N ASP D 177 -18.90 -21.85 12.29
CA ASP D 177 -19.68 -20.80 11.64
C ASP D 177 -19.13 -20.42 10.27
N ILE D 178 -19.00 -21.43 9.42
CA ILE D 178 -18.59 -21.25 8.04
C ILE D 178 -19.84 -21.30 7.17
N VAL D 179 -19.90 -20.43 6.16
CA VAL D 179 -21.03 -20.45 5.24
C VAL D 179 -20.80 -21.45 4.11
N PHE D 180 -21.37 -22.64 4.27
CA PHE D 180 -21.32 -23.66 3.22
C PHE D 180 -22.21 -23.25 2.05
N PHE D 181 -22.00 -23.88 0.90
CA PHE D 181 -22.89 -23.70 -0.24
C PHE D 181 -24.29 -24.17 0.13
N GLY D 182 -25.25 -23.26 0.08
CA GLY D 182 -26.63 -23.59 0.41
C GLY D 182 -27.11 -22.85 1.65
N GLU D 183 -26.21 -22.13 2.30
CA GLU D 183 -26.55 -21.36 3.48
C GLU D 183 -26.55 -19.86 3.22
N SER D 184 -27.03 -19.09 4.17
CA SER D 184 -27.09 -17.64 4.05
C SER D 184 -25.79 -17.00 4.53
N LEU D 185 -25.35 -15.97 3.82
CA LEU D 185 -24.20 -15.18 4.22
C LEU D 185 -24.53 -14.40 5.49
N PRO D 186 -23.51 -14.03 6.27
CA PRO D 186 -23.69 -13.27 7.52
C PRO D 186 -24.42 -11.94 7.31
N ALA D 187 -25.13 -11.48 8.33
CA ALA D 187 -25.88 -10.23 8.27
C ALA D 187 -24.98 -9.04 7.96
N ARG D 188 -23.73 -9.10 8.43
CA ARG D 188 -22.77 -8.03 8.22
C ARG D 188 -22.45 -7.80 6.73
N PHE D 189 -22.49 -8.89 5.97
CA PHE D 189 -22.24 -8.82 4.52
C PHE D 189 -23.21 -7.85 3.85
N PHE D 190 -24.50 -8.01 4.15
CA PHE D 190 -25.53 -7.20 3.52
C PHE D 190 -25.63 -5.81 4.16
N SER D 191 -25.34 -5.75 5.45
CA SER D 191 -25.39 -4.48 6.18
C SER D 191 -24.36 -3.49 5.64
N CYS D 192 -23.12 -3.96 5.48
CA CYS D 192 -22.02 -3.11 5.03
C CYS D 192 -22.17 -2.66 3.58
N MET D 193 -22.65 -3.55 2.72
CA MET D 193 -22.73 -3.26 1.29
C MET D 193 -23.78 -2.18 0.95
N GLN D 194 -24.52 -1.72 1.95
CA GLN D 194 -25.54 -0.71 1.75
C GLN D 194 -24.97 0.67 1.47
N SER D 195 -23.78 0.96 1.99
CA SER D 195 -23.20 2.29 1.87
C SER D 195 -21.72 2.29 1.48
N ASP D 196 -21.04 1.17 1.72
CA ASP D 196 -19.60 1.07 1.49
C ASP D 196 -19.18 1.39 0.06
N PHE D 197 -20.01 1.03 -0.91
CA PHE D 197 -19.66 1.18 -2.31
C PHE D 197 -20.14 2.51 -2.90
N LEU D 198 -20.89 3.28 -2.11
CA LEU D 198 -21.43 4.55 -2.58
C LEU D 198 -20.37 5.61 -2.80
N LYS D 199 -19.23 5.49 -2.13
CA LYS D 199 -18.17 6.48 -2.23
C LYS D 199 -16.78 5.89 -2.40
N VAL D 200 -16.71 4.64 -2.85
CA VAL D 200 -15.43 3.97 -3.07
C VAL D 200 -14.73 4.50 -4.32
N ASP D 201 -13.43 4.76 -4.21
CA ASP D 201 -12.67 5.34 -5.33
C ASP D 201 -11.89 4.30 -6.12
N LEU D 202 -11.72 3.10 -5.56
CA LEU D 202 -10.94 2.06 -6.22
C LEU D 202 -11.29 0.66 -5.74
N LEU D 203 -11.47 -0.26 -6.71
CA LEU D 203 -11.70 -1.66 -6.38
C LEU D 203 -10.46 -2.50 -6.62
N LEU D 204 -9.96 -3.14 -5.56
CA LEU D 204 -8.83 -4.05 -5.67
C LEU D 204 -9.30 -5.50 -5.58
N VAL D 205 -9.62 -6.08 -6.74
CA VAL D 205 -10.06 -7.46 -6.82
C VAL D 205 -8.84 -8.38 -7.00
N MET D 206 -8.42 -9.02 -5.91
CA MET D 206 -7.19 -9.81 -5.92
C MET D 206 -7.38 -11.27 -5.53
N GLY D 207 -6.96 -12.18 -6.40
CA GLY D 207 -6.91 -13.59 -6.06
C GLY D 207 -8.24 -14.31 -6.11
N THR D 208 -9.17 -13.80 -6.90
CA THR D 208 -10.45 -14.46 -7.08
C THR D 208 -10.88 -14.42 -8.54
N SER D 209 -11.43 -15.52 -9.02
CA SER D 209 -11.97 -15.58 -10.37
C SER D 209 -13.46 -15.29 -10.35
N LEU D 210 -13.94 -14.81 -9.20
CA LEU D 210 -15.33 -14.39 -9.03
C LEU D 210 -16.32 -15.49 -9.40
N GLN D 211 -16.13 -16.68 -8.82
CA GLN D 211 -16.95 -17.83 -9.16
C GLN D 211 -18.01 -18.13 -8.09
N VAL D 212 -17.98 -17.37 -7.00
CA VAL D 212 -18.93 -17.59 -5.91
C VAL D 212 -19.85 -16.38 -5.71
N GLN D 213 -21.15 -16.63 -5.78
CA GLN D 213 -22.16 -15.60 -5.53
C GLN D 213 -22.65 -15.71 -4.08
N PRO D 214 -23.15 -14.61 -3.50
CA PRO D 214 -23.32 -13.28 -4.10
C PRO D 214 -22.07 -12.41 -4.01
N PHE D 215 -20.95 -12.99 -3.60
CA PHE D 215 -19.70 -12.24 -3.47
C PHE D 215 -19.29 -11.59 -4.79
N ALA D 216 -19.52 -12.31 -5.89
CA ALA D 216 -19.11 -11.84 -7.21
C ALA D 216 -19.85 -10.57 -7.64
N SER D 217 -21.10 -10.44 -7.17
CA SER D 217 -21.95 -9.31 -7.57
C SER D 217 -21.48 -7.97 -6.97
N LEU D 218 -20.56 -8.04 -6.01
CA LEU D 218 -20.08 -6.84 -5.33
C LEU D 218 -19.43 -5.82 -6.26
N ILE D 219 -18.86 -6.29 -7.37
CA ILE D 219 -18.16 -5.41 -8.30
C ILE D 219 -19.12 -4.49 -9.06
N SER D 220 -20.41 -4.82 -9.04
CA SER D 220 -21.40 -3.99 -9.72
C SER D 220 -21.91 -2.89 -8.80
N LYS D 221 -21.54 -2.96 -7.53
CA LYS D 221 -21.94 -1.96 -6.54
C LYS D 221 -21.07 -0.72 -6.61
N ALA D 222 -19.91 -0.85 -7.26
CA ALA D 222 -19.01 0.28 -7.44
C ALA D 222 -19.58 1.27 -8.44
N PRO D 223 -19.36 2.57 -8.20
CA PRO D 223 -19.80 3.63 -9.11
C PRO D 223 -19.20 3.45 -10.51
N LEU D 224 -19.89 3.97 -11.52
CA LEU D 224 -19.45 3.81 -12.91
C LEU D 224 -18.09 4.45 -13.19
N SER D 225 -17.66 5.35 -12.31
CA SER D 225 -16.40 6.08 -12.51
C SER D 225 -15.24 5.39 -11.80
N THR D 226 -15.55 4.62 -10.76
CA THR D 226 -14.52 3.98 -9.94
C THR D 226 -13.72 2.93 -10.72
N PRO D 227 -12.40 3.16 -10.85
CA PRO D 227 -11.49 2.23 -11.53
C PRO D 227 -11.37 0.92 -10.77
N ARG D 228 -11.27 -0.19 -11.50
CA ARG D 228 -11.17 -1.50 -10.89
C ARG D 228 -9.93 -2.25 -11.38
N LEU D 229 -9.09 -2.66 -10.43
CA LEU D 229 -7.88 -3.40 -10.76
C LEU D 229 -8.01 -4.86 -10.36
N LEU D 230 -7.87 -5.74 -11.34
CA LEU D 230 -7.93 -7.18 -11.09
C LEU D 230 -6.53 -7.79 -11.07
N ILE D 231 -6.13 -8.31 -9.91
CA ILE D 231 -4.87 -9.03 -9.80
C ILE D 231 -5.15 -10.52 -9.62
N ASN D 232 -5.19 -11.24 -10.73
CA ASN D 232 -5.51 -12.67 -10.71
C ASN D 232 -4.68 -13.43 -11.74
N LYS D 233 -4.71 -14.76 -11.65
CA LYS D 233 -3.99 -15.60 -12.60
C LYS D 233 -4.66 -15.58 -13.98
N GLU D 234 -5.92 -15.16 -14.01
CA GLU D 234 -6.67 -15.10 -15.26
C GLU D 234 -7.70 -13.97 -15.20
N LYS D 235 -8.20 -13.57 -16.36
CA LYS D 235 -9.24 -12.55 -16.44
C LYS D 235 -10.57 -13.08 -15.91
N ALA D 236 -11.29 -12.24 -15.18
CA ALA D 236 -12.55 -12.65 -14.57
C ALA D 236 -13.49 -11.46 -14.35
N GLY D 237 -14.78 -11.73 -14.34
CA GLY D 237 -15.79 -10.71 -14.09
C GLY D 237 -16.32 -10.07 -15.36
N GLN D 238 -15.95 -10.62 -16.50
CA GLN D 238 -16.35 -10.07 -17.79
C GLN D 238 -17.80 -10.43 -18.15
N SER D 239 -18.48 -11.10 -17.22
CA SER D 239 -19.88 -11.48 -17.42
C SER D 239 -20.80 -10.69 -16.51
N ASP D 240 -22.11 -10.90 -16.68
CA ASP D 240 -23.12 -10.23 -15.88
C ASP D 240 -22.92 -10.56 -14.40
N PRO D 241 -22.72 -9.52 -13.58
CA PRO D 241 -22.50 -9.67 -12.13
C PRO D 241 -23.68 -10.32 -11.41
N PHE D 242 -24.87 -10.22 -12.02
CA PHE D 242 -26.06 -10.92 -11.52
C PHE D 242 -26.48 -10.44 -10.13
N LEU D 243 -26.42 -9.13 -9.91
CA LEU D 243 -26.80 -8.53 -8.64
C LEU D 243 -28.29 -8.74 -8.35
N GLY D 244 -28.59 -9.21 -7.14
CA GLY D 244 -29.96 -9.49 -6.75
C GLY D 244 -30.60 -10.59 -7.56
N MET D 245 -29.75 -11.40 -8.20
CA MET D 245 -30.20 -12.43 -9.14
C MET D 245 -31.11 -11.84 -10.22
N ILE D 246 -30.71 -10.67 -10.71
CA ILE D 246 -31.38 -9.99 -11.81
C ILE D 246 -30.33 -9.66 -12.87
N MET D 247 -30.68 -9.86 -14.14
CA MET D 247 -29.72 -9.60 -15.22
C MET D 247 -29.97 -8.26 -15.89
N GLY D 248 -28.89 -7.67 -16.40
CA GLY D 248 -28.99 -6.41 -17.13
C GLY D 248 -28.79 -5.18 -16.28
N LEU D 249 -28.28 -5.37 -15.07
CA LEU D 249 -28.04 -4.26 -14.16
C LEU D 249 -26.67 -3.63 -14.39
N GLY D 250 -25.82 -4.33 -15.15
CA GLY D 250 -24.50 -3.84 -15.46
C GLY D 250 -23.51 -4.02 -14.31
N GLY D 251 -22.27 -3.62 -14.56
CA GLY D 251 -21.23 -3.71 -13.55
C GLY D 251 -20.13 -4.68 -13.92
N GLY D 252 -20.30 -5.37 -15.05
CA GLY D 252 -19.34 -6.36 -15.51
C GLY D 252 -18.01 -5.75 -15.91
N MET D 253 -16.94 -6.51 -15.71
CA MET D 253 -15.59 -6.06 -16.08
C MET D 253 -15.46 -5.88 -17.58
N ASP D 254 -14.83 -4.77 -17.98
CA ASP D 254 -14.57 -4.51 -19.40
C ASP D 254 -13.11 -4.12 -19.58
N PHE D 255 -12.29 -5.10 -19.97
CA PHE D 255 -10.86 -4.89 -20.08
C PHE D 255 -10.41 -4.53 -21.49
N ASP D 256 -10.96 -5.21 -22.50
CA ASP D 256 -10.37 -5.20 -23.83
C ASP D 256 -11.32 -4.79 -24.96
N SER D 257 -12.43 -4.15 -24.64
CA SER D 257 -13.33 -3.66 -25.68
C SER D 257 -13.04 -2.20 -25.99
N LYS D 258 -13.67 -1.69 -27.04
CA LYS D 258 -13.50 -0.29 -27.41
C LYS D 258 -14.10 0.63 -26.35
N LYS D 259 -15.00 0.08 -25.54
CA LYS D 259 -15.66 0.85 -24.51
C LYS D 259 -14.86 0.89 -23.21
N ALA D 260 -13.86 0.01 -23.10
CA ALA D 260 -13.09 -0.13 -21.86
C ALA D 260 -12.51 1.22 -21.43
N TYR D 261 -12.55 1.49 -20.12
CA TYR D 261 -12.12 2.79 -19.63
C TYR D 261 -11.59 2.78 -18.18
N ARG D 262 -12.04 1.80 -17.37
CA ARG D 262 -11.69 1.81 -15.96
C ARG D 262 -11.17 0.48 -15.43
N ASP D 263 -11.29 -0.57 -16.23
CA ASP D 263 -10.93 -1.92 -15.79
C ASP D 263 -9.55 -2.32 -16.29
N VAL D 264 -8.65 -2.64 -15.35
CA VAL D 264 -7.32 -3.11 -15.69
C VAL D 264 -7.07 -4.50 -15.12
N ALA D 265 -6.51 -5.39 -15.93
CA ALA D 265 -6.24 -6.75 -15.47
C ALA D 265 -4.75 -7.08 -15.46
N TRP D 266 -4.22 -7.33 -14.27
CA TRP D 266 -2.82 -7.73 -14.12
C TRP D 266 -2.74 -9.23 -13.94
N LEU D 267 -2.20 -9.92 -14.94
CA LEU D 267 -2.12 -11.38 -14.90
C LEU D 267 -0.86 -11.86 -14.16
N GLY D 268 -1.03 -12.90 -13.35
CA GLY D 268 0.07 -13.45 -12.57
C GLY D 268 -0.35 -13.80 -11.16
N GLU D 269 0.62 -14.08 -10.30
CA GLU D 269 0.34 -14.40 -8.91
C GLU D 269 0.16 -13.12 -8.09
N CYS D 270 -0.53 -13.23 -6.95
CA CYS D 270 -0.86 -12.07 -6.14
C CYS D 270 0.35 -11.43 -5.48
N ASP D 271 1.28 -12.26 -4.99
CA ASP D 271 2.49 -11.76 -4.36
C ASP D 271 3.33 -10.96 -5.34
N GLN D 272 3.28 -11.36 -6.62
CA GLN D 272 4.04 -10.67 -7.65
C GLN D 272 3.38 -9.35 -8.02
N GLY D 273 2.05 -9.36 -8.07
CA GLY D 273 1.28 -8.19 -8.43
C GLY D 273 1.38 -7.07 -7.41
N CYS D 274 1.35 -7.41 -6.14
CA CYS D 274 1.42 -6.43 -5.07
C CYS D 274 2.80 -5.78 -4.99
N LEU D 275 3.84 -6.58 -5.23
CA LEU D 275 5.20 -6.05 -5.23
C LEU D 275 5.43 -5.13 -6.43
N ALA D 276 4.88 -5.53 -7.58
CA ALA D 276 4.98 -4.72 -8.79
C ALA D 276 4.23 -3.41 -8.60
N LEU D 277 3.11 -3.47 -7.89
CA LEU D 277 2.29 -2.30 -7.63
C LEU D 277 2.93 -1.40 -6.57
N ALA D 278 3.52 -2.02 -5.55
CA ALA D 278 4.18 -1.28 -4.48
C ALA D 278 5.43 -0.57 -4.99
N GLU D 279 6.08 -1.18 -5.99
CA GLU D 279 7.27 -0.60 -6.60
C GLU D 279 6.94 0.75 -7.25
N LEU D 280 5.82 0.78 -7.98
CA LEU D 280 5.38 2.00 -8.65
C LEU D 280 4.98 3.07 -7.64
N LEU D 281 4.40 2.64 -6.52
CA LEU D 281 4.02 3.55 -5.45
C LEU D 281 5.23 3.85 -4.56
N GLY D 282 6.30 3.09 -4.76
CA GLY D 282 7.49 3.23 -3.95
C GLY D 282 7.27 2.72 -2.55
N TRP D 283 6.67 1.54 -2.44
CA TRP D 283 6.33 0.96 -1.14
C TRP D 283 7.01 -0.39 -0.92
N LYS D 284 7.64 -0.92 -1.95
CA LYS D 284 8.26 -2.26 -1.89
C LYS D 284 9.25 -2.40 -0.73
N LYS D 285 10.08 -1.38 -0.54
CA LYS D 285 11.06 -1.38 0.55
C LYS D 285 10.31 -1.42 1.88
N GLU D 286 9.23 -0.65 1.97
CA GLU D 286 8.42 -0.59 3.18
C GLU D 286 7.62 -1.87 3.37
N LEU D 287 7.10 -2.41 2.27
CA LEU D 287 6.28 -3.61 2.30
C LEU D 287 7.07 -4.84 2.72
N GLU D 288 8.22 -5.04 2.08
CA GLU D 288 9.07 -6.20 2.39
C GLU D 288 9.57 -6.16 3.83
N ASP D 289 9.80 -4.96 4.35
CA ASP D 289 10.18 -4.78 5.75
C ASP D 289 9.06 -5.28 6.66
N LEU D 290 7.83 -4.92 6.31
CA LEU D 290 6.66 -5.31 7.09
C LEU D 290 6.47 -6.82 7.13
N VAL D 291 6.60 -7.46 5.97
CA VAL D 291 6.44 -8.90 5.86
C VAL D 291 7.47 -9.64 6.71
N ARG D 292 8.74 -9.27 6.56
CA ARG D 292 9.82 -9.86 7.33
C ARG D 292 9.66 -9.60 8.81
N ARG D 293 9.24 -8.37 9.16
CA ARG D 293 9.04 -7.98 10.54
C ARG D 293 7.96 -8.83 11.20
N GLU D 294 6.82 -8.96 10.52
CA GLU D 294 5.68 -9.68 11.07
C GLU D 294 5.88 -11.19 11.08
N HIS D 295 6.48 -11.72 10.01
CA HIS D 295 6.77 -13.15 9.94
C HIS D 295 7.71 -13.59 11.05
N ALA D 296 8.72 -12.76 11.33
CA ALA D 296 9.65 -13.03 12.41
C ALA D 296 8.95 -12.92 13.76
N SER D 297 8.00 -12.00 13.85
CA SER D 297 7.22 -11.82 15.06
C SER D 297 6.34 -13.04 15.33
N ILE D 298 5.70 -13.54 14.27
CA ILE D 298 4.84 -14.72 14.36
C ILE D 298 5.63 -15.95 14.83
N ASP D 299 6.81 -16.15 14.26
CA ASP D 299 7.67 -17.26 14.64
C ASP D 299 8.13 -17.15 16.09
N ALA D 300 8.25 -15.91 16.57
CA ALA D 300 8.68 -15.65 17.93
C ALA D 300 7.59 -15.96 18.96
N GLN D 301 6.36 -16.10 18.48
CA GLN D 301 5.23 -16.41 19.36
C GLN D 301 5.23 -17.89 19.74
N SER D 302 5.43 -18.75 18.76
CA SER D 302 5.45 -20.19 18.99
C SER D 302 6.78 -20.64 19.58
N TYR E 2 -21.55 5.68 14.81
CA TYR E 2 -20.69 5.56 13.63
C TYR E 2 -20.62 4.14 13.06
N HIS E 3 -20.39 3.16 13.92
CA HIS E 3 -20.28 1.77 13.49
C HIS E 3 -21.56 0.99 13.80
N THR E 4 -22.57 1.68 14.31
CA THR E 4 -23.79 1.02 14.78
C THR E 4 -25.00 1.26 13.89
N TYR E 5 -24.80 1.27 12.57
CA TYR E 5 -25.91 1.47 11.64
C TYR E 5 -26.98 0.40 11.79
N HIS E 6 -26.55 -0.83 12.05
CA HIS E 6 -27.45 -1.96 12.15
C HIS E 6 -28.27 -1.94 13.44
N VAL E 7 -27.94 -1.03 14.33
CA VAL E 7 -28.59 -0.94 15.63
C VAL E 7 -29.77 0.04 15.59
N ARG E 9 -31.99 2.90 16.37
CA ARG E 9 -31.66 4.21 16.92
C ARG E 9 -32.76 5.23 16.62
N ARG E 10 -32.56 6.45 17.09
CA ARG E 10 -33.43 7.56 16.70
C ARG E 10 -32.77 8.31 15.55
N THR E 11 -33.34 9.44 15.15
CA THR E 11 -32.86 10.15 13.97
C THR E 11 -31.83 11.23 14.29
N ASN E 12 -30.97 10.96 15.26
CA ASN E 12 -29.86 11.85 15.57
C ASN E 12 -28.71 11.63 14.60
N TYR E 13 -28.04 12.71 14.22
CA TYR E 13 -26.88 12.61 13.33
C TYR E 13 -25.60 12.44 14.14
N TYR E 14 -25.66 11.53 15.12
CA TYR E 14 -24.51 11.18 15.95
C TYR E 14 -24.76 9.85 16.66
N CYS E 15 -23.79 9.42 17.46
CA CYS E 15 -23.91 8.17 18.18
C CYS E 15 -23.91 8.38 19.69
N TYR F 2 60.78 -5.63 9.63
CA TYR F 2 60.22 -5.12 8.39
C TYR F 2 60.16 -6.17 7.28
N HIS F 3 60.85 -7.30 7.49
CA HIS F 3 60.93 -8.34 6.47
C HIS F 3 60.03 -9.52 6.80
N THR F 4 59.17 -9.35 7.80
CA THR F 4 58.37 -10.47 8.31
C THR F 4 56.89 -10.36 7.96
N TYR F 5 56.58 -9.94 6.75
CA TYR F 5 55.19 -9.84 6.31
C TYR F 5 54.53 -11.21 6.29
N HIS F 6 55.30 -12.22 5.92
CA HIS F 6 54.80 -13.58 5.79
C HIS F 6 54.55 -14.23 7.15
N VAL F 7 55.09 -13.63 8.21
CA VAL F 7 54.94 -14.13 9.57
C VAL F 7 53.64 -13.61 10.19
N ARG F 9 51.31 -11.90 12.52
CA ARG F 9 51.50 -10.76 13.42
C ARG F 9 50.16 -10.14 13.80
N ARG F 10 50.21 -9.13 14.67
CA ARG F 10 49.04 -8.31 14.98
C ARG F 10 49.02 -7.10 14.05
N THR F 11 48.13 -6.15 14.31
CA THR F 11 47.94 -5.02 13.41
C THR F 11 48.78 -3.79 13.74
N ASN F 12 49.89 -3.99 14.43
CA ASN F 12 50.82 -2.90 14.68
C ASN F 12 51.53 -2.49 13.39
N TYR F 13 51.70 -1.19 13.20
CA TYR F 13 52.39 -0.70 12.01
C TYR F 13 53.90 -0.64 12.23
N TYR F 14 54.42 -1.66 12.90
CA TYR F 14 55.85 -1.81 13.10
C TYR F 14 56.19 -3.29 13.27
N CYS F 15 57.47 -3.58 13.49
CA CYS F 15 57.90 -4.95 13.71
C CYS F 15 58.37 -5.15 15.15
N TYR G 2 28.10 52.87 -18.91
CA TYR G 2 27.35 53.87 -19.65
C TYR G 2 27.13 53.52 -21.12
N HIS G 3 28.17 53.05 -21.79
CA HIS G 3 28.11 52.68 -23.20
C HIS G 3 28.17 51.17 -23.40
N THR G 4 27.94 50.42 -22.34
CA THR G 4 28.14 48.96 -22.38
C THR G 4 26.86 48.15 -22.14
N TYR G 5 25.73 48.63 -22.64
CA TYR G 5 24.46 47.90 -22.50
C TYR G 5 24.56 46.53 -23.17
N HIS G 6 25.31 46.47 -24.26
CA HIS G 6 25.45 45.26 -25.05
C HIS G 6 26.31 44.20 -24.38
N VAL G 7 27.01 44.59 -23.32
CA VAL G 7 27.91 43.68 -22.62
C VAL G 7 27.21 43.01 -21.44
N ARG G 9 26.47 41.89 -17.98
CA ARG G 9 26.80 42.54 -16.72
C ARG G 9 25.96 42.00 -15.57
N ARG G 10 26.18 42.53 -14.38
CA ARG G 10 25.30 42.28 -13.25
C ARG G 10 24.31 43.44 -13.15
N THR G 11 23.48 43.44 -12.11
CA THR G 11 22.40 44.44 -12.01
C THR G 11 22.79 45.72 -11.26
N ASN G 12 24.08 46.04 -11.23
CA ASN G 12 24.53 47.29 -10.63
C ASN G 12 24.09 48.47 -11.47
N TYR G 13 23.83 49.61 -10.83
CA TYR G 13 23.43 50.81 -11.55
C TYR G 13 24.63 51.69 -11.87
N TYR G 14 25.70 51.06 -12.35
CA TYR G 14 26.90 51.76 -12.78
C TYR G 14 27.73 50.91 -13.72
N CYS G 15 28.85 51.46 -14.18
CA CYS G 15 29.75 50.76 -15.07
C CYS G 15 30.88 50.10 -14.29
N TYR H 2 -34.24 -17.66 -7.71
CA TYR H 2 -34.72 -16.29 -7.94
C TYR H 2 -34.81 -15.40 -6.69
N HIS H 3 -35.18 -15.99 -5.56
CA HIS H 3 -35.31 -15.26 -4.31
C HIS H 3 -34.19 -15.65 -3.34
N THR H 4 -33.11 -16.20 -3.87
CA THR H 4 -32.05 -16.74 -3.02
C THR H 4 -30.71 -16.03 -3.21
N TYR H 5 -30.74 -14.72 -3.41
CA TYR H 5 -29.52 -13.94 -3.55
C TYR H 5 -28.66 -14.04 -2.29
N HIS H 6 -29.32 -14.11 -1.14
CA HIS H 6 -28.64 -14.13 0.15
C HIS H 6 -27.95 -15.47 0.42
N VAL H 7 -28.23 -16.45 -0.42
CA VAL H 7 -27.65 -17.78 -0.26
C VAL H 7 -26.37 -17.91 -1.09
N ARG H 9 -24.03 -19.19 -3.58
CA ARG H 9 -24.25 -19.94 -4.80
C ARG H 9 -23.03 -19.90 -5.69
N ARG H 10 -23.10 -20.60 -6.81
CA ARG H 10 -22.08 -20.48 -7.85
C ARG H 10 -22.53 -19.43 -8.85
N THR H 11 -21.80 -19.32 -9.96
CA THR H 11 -22.14 -18.31 -10.98
C THR H 11 -23.04 -18.89 -12.06
N ASN H 12 -24.25 -19.25 -11.67
CA ASN H 12 -25.26 -19.68 -12.63
C ASN H 12 -26.32 -18.62 -12.77
N TYR H 13 -26.79 -18.40 -14.01
CA TYR H 13 -27.86 -17.43 -14.24
C TYR H 13 -29.21 -18.10 -14.06
N TYR H 14 -29.31 -18.89 -13.00
CA TYR H 14 -30.55 -19.55 -12.62
C TYR H 14 -30.47 -20.02 -11.18
N CYS H 15 -31.58 -20.56 -10.70
CA CYS H 15 -31.65 -21.09 -9.34
C CYS H 15 -31.63 -22.62 -9.38
#